data_2E4O
#
_entry.id   2E4O
#
_cell.length_a   61.190
_cell.length_b   147.242
_cell.length_c   83.736
_cell.angle_alpha   90.00
_cell.angle_beta   97.91
_cell.angle_gamma   90.00
#
_symmetry.space_group_name_H-M   'P 1 21 1'
#
loop_
_entity.id
_entity.type
_entity.pdbx_description
1 polymer 'Aristolochene synthase'
2 non-polymer BETA-MERCAPTOETHANOL
3 non-polymer 'CHLORIDE ION'
4 non-polymer '2-(N-MORPHOLINO)-ETHANESULFONIC ACID'
5 water water
#
_entity_poly.entity_id   1
_entity_poly.type   'polypeptide(L)'
_entity_poly.pdbx_seq_one_letter_code
;MKKPNGTNGASSSLEPPPSTFQPLCHPLVEEVSKEVDGYFLQHWNFPNEKARKKFVAAGFSRVTCLYFPKALDDRIHFAC
RLLTVLFLIDDLLEYMSFEEGSAYNEKLIPISRGDVLPDRSIPVEYIIYDLWESMRAHDREMADEILEPVFLFMRAQTDR
TRARPMGLGGYLEYRERDVGKELLAALMRFSMGLKLSPSELQRVREIDANCSKHLSVVNDIYSYEKELYTSKTAHSEGGI
LCTSVQILAQEADVTAEAAKRVLFVMCREWELRHQLLVARLSAEGLETPGLAAYVEGLEYQMSGNELWSQTTLRYSVVVD
;
_entity_poly.pdbx_strand_id   A,B,C,D
#
# COMPACT_ATOMS: atom_id res chain seq x y z
N SER A 13 8.28 -3.87 -31.36
CA SER A 13 9.02 -2.93 -30.47
C SER A 13 9.34 -3.56 -29.10
N LEU A 14 8.42 -4.35 -28.55
CA LEU A 14 8.68 -4.99 -27.26
C LEU A 14 9.32 -6.35 -27.50
N GLU A 15 10.58 -6.49 -27.09
CA GLU A 15 11.30 -7.73 -27.27
C GLU A 15 11.37 -8.58 -26.00
N PRO A 16 10.73 -9.76 -26.03
CA PRO A 16 10.74 -10.64 -24.85
C PRO A 16 12.16 -11.06 -24.49
N PRO A 17 12.51 -10.98 -23.21
CA PRO A 17 13.86 -11.38 -22.82
C PRO A 17 14.00 -12.89 -22.97
N PRO A 18 15.24 -13.42 -23.07
CA PRO A 18 15.41 -14.86 -23.22
C PRO A 18 14.65 -15.67 -22.18
N SER A 19 14.19 -16.85 -22.60
CA SER A 19 13.42 -17.75 -21.75
C SER A 19 13.80 -19.19 -22.05
N THR A 20 13.75 -20.05 -21.03
CA THR A 20 14.08 -21.44 -21.25
C THR A 20 12.83 -22.27 -21.60
N PHE A 21 11.66 -21.64 -21.56
CA PHE A 21 10.41 -22.34 -21.91
C PHE A 21 10.12 -22.08 -23.40
N GLN A 22 9.27 -22.90 -24.01
CA GLN A 22 8.91 -22.72 -25.40
C GLN A 22 7.48 -23.15 -25.59
N PRO A 23 6.75 -22.49 -26.50
CA PRO A 23 5.36 -22.87 -26.73
C PRO A 23 5.31 -24.19 -27.50
N LEU A 24 4.21 -24.91 -27.37
CA LEU A 24 4.01 -26.18 -28.04
C LEU A 24 2.52 -26.32 -28.33
N CYS A 25 2.18 -26.92 -29.45
CA CYS A 25 0.76 -27.09 -29.79
C CYS A 25 0.43 -28.57 -29.81
N HIS A 26 -0.82 -28.91 -29.52
CA HIS A 26 -1.24 -30.31 -29.50
C HIS A 26 -1.22 -30.88 -30.90
N PRO A 27 -0.66 -32.09 -31.04
CA PRO A 27 -0.53 -32.81 -32.32
C PRO A 27 -1.80 -32.82 -33.16
N LEU A 28 -2.93 -33.09 -32.50
CA LEU A 28 -4.22 -33.19 -33.20
C LEU A 28 -4.94 -31.89 -33.48
N VAL A 29 -4.29 -30.76 -33.24
CA VAL A 29 -4.94 -29.47 -33.43
C VAL A 29 -5.81 -29.33 -34.69
N GLU A 30 -5.26 -29.70 -35.85
CA GLU A 30 -6.03 -29.59 -37.08
C GLU A 30 -7.30 -30.43 -37.04
N GLU A 31 -7.21 -31.65 -36.53
CA GLU A 31 -8.36 -32.54 -36.44
C GLU A 31 -9.43 -32.06 -35.47
N VAL A 32 -9.02 -31.73 -34.23
CA VAL A 32 -9.95 -31.27 -33.21
C VAL A 32 -10.64 -29.97 -33.64
N SER A 33 -9.85 -29.05 -34.19
CA SER A 33 -10.38 -27.78 -34.65
C SER A 33 -11.55 -28.00 -35.61
N LYS A 34 -11.31 -28.77 -36.68
CA LYS A 34 -12.37 -29.06 -37.67
C LYS A 34 -13.62 -29.54 -36.96
N GLU A 35 -13.45 -30.56 -36.14
CA GLU A 35 -14.53 -31.18 -35.36
C GLU A 35 -15.27 -30.21 -34.44
N VAL A 36 -14.54 -29.59 -33.52
CA VAL A 36 -15.17 -28.69 -32.57
C VAL A 36 -15.77 -27.48 -33.28
N ASP A 37 -15.09 -26.98 -34.30
CA ASP A 37 -15.61 -25.85 -35.06
C ASP A 37 -16.93 -26.25 -35.71
N GLY A 38 -16.89 -27.39 -36.42
CA GLY A 38 -18.05 -27.92 -37.09
C GLY A 38 -19.25 -28.05 -36.18
N TYR A 39 -19.02 -28.56 -34.97
CA TYR A 39 -20.10 -28.73 -34.03
C TYR A 39 -20.81 -27.40 -33.71
N PHE A 40 -20.05 -26.37 -33.38
CA PHE A 40 -20.61 -25.07 -33.03
C PHE A 40 -21.22 -24.34 -34.24
N LEU A 41 -20.68 -24.57 -35.42
CA LEU A 41 -21.22 -23.97 -36.63
C LEU A 41 -22.58 -24.59 -36.87
N GLN A 42 -22.70 -25.86 -36.53
CA GLN A 42 -23.95 -26.58 -36.71
C GLN A 42 -24.99 -26.15 -35.68
N HIS A 43 -24.59 -26.07 -34.39
CA HIS A 43 -25.53 -25.80 -33.31
C HIS A 43 -25.66 -24.39 -32.80
N TRP A 44 -24.54 -23.68 -32.61
CA TRP A 44 -24.63 -22.30 -32.12
C TRP A 44 -25.40 -21.41 -33.09
N ASN A 45 -26.24 -20.52 -32.55
CA ASN A 45 -27.00 -19.63 -33.41
C ASN A 45 -26.22 -18.38 -33.74
N PHE A 46 -25.28 -18.47 -34.66
CA PHE A 46 -24.54 -17.29 -35.05
C PHE A 46 -25.48 -16.37 -35.83
N PRO A 47 -25.53 -15.07 -35.46
CA PRO A 47 -26.40 -14.08 -36.10
C PRO A 47 -26.43 -14.13 -37.63
N ASN A 48 -25.26 -13.95 -38.25
CA ASN A 48 -25.17 -13.98 -39.71
C ASN A 48 -23.91 -14.69 -40.18
N GLU A 49 -23.82 -14.94 -41.48
CA GLU A 49 -22.68 -15.62 -42.06
C GLU A 49 -21.36 -14.90 -41.73
N LYS A 50 -21.47 -13.62 -41.41
CA LYS A 50 -20.30 -12.82 -41.07
C LYS A 50 -19.66 -13.29 -39.76
N ALA A 51 -20.49 -13.41 -38.72
CA ALA A 51 -20.02 -13.84 -37.41
C ALA A 51 -19.46 -15.26 -37.45
N ARG A 52 -19.91 -16.04 -38.43
CA ARG A 52 -19.44 -17.41 -38.58
C ARG A 52 -17.98 -17.40 -39.03
N LYS A 53 -17.65 -16.50 -39.95
CA LYS A 53 -16.28 -16.37 -40.44
C LYS A 53 -15.39 -15.88 -39.31
N LYS A 54 -15.86 -14.86 -38.59
CA LYS A 54 -15.11 -14.30 -37.47
C LYS A 54 -14.84 -15.42 -36.47
N PHE A 55 -15.87 -16.22 -36.19
CA PHE A 55 -15.76 -17.34 -35.27
C PHE A 55 -14.64 -18.30 -35.65
N VAL A 56 -14.75 -18.89 -36.82
CA VAL A 56 -13.73 -19.82 -37.30
C VAL A 56 -12.38 -19.13 -37.25
N ALA A 57 -12.40 -17.82 -37.52
CA ALA A 57 -11.18 -17.02 -37.52
C ALA A 57 -10.54 -17.00 -36.14
N ALA A 58 -11.36 -16.92 -35.10
CA ALA A 58 -10.87 -16.89 -33.72
C ALA A 58 -10.06 -18.15 -33.38
N GLY A 59 -10.50 -19.30 -33.88
CA GLY A 59 -9.80 -20.54 -33.63
C GLY A 59 -9.67 -20.94 -32.17
N PHE A 60 -10.75 -20.83 -31.43
CA PHE A 60 -10.73 -21.17 -30.01
C PHE A 60 -10.13 -22.55 -29.73
N SER A 61 -10.31 -23.49 -30.66
CA SER A 61 -9.75 -24.84 -30.45
C SER A 61 -8.23 -24.82 -30.56
N ARG A 62 -7.73 -23.98 -31.46
CA ARG A 62 -6.30 -23.84 -31.66
C ARG A 62 -5.68 -23.21 -30.39
N VAL A 63 -6.40 -22.28 -29.76
CA VAL A 63 -5.91 -21.66 -28.53
C VAL A 63 -5.79 -22.73 -27.44
N THR A 64 -6.85 -23.55 -27.32
CA THR A 64 -6.91 -24.63 -26.34
C THR A 64 -5.75 -25.60 -26.47
N CYS A 65 -5.39 -25.90 -27.73
CA CYS A 65 -4.30 -26.82 -28.00
C CYS A 65 -2.96 -26.20 -27.72
N LEU A 66 -2.94 -24.87 -27.56
CA LEU A 66 -1.69 -24.18 -27.24
C LEU A 66 -1.46 -24.25 -25.72
N TYR A 67 -2.54 -24.18 -24.96
CA TYR A 67 -2.47 -24.25 -23.50
C TYR A 67 -2.40 -25.66 -22.98
N PHE A 68 -3.00 -26.60 -23.71
CA PHE A 68 -3.00 -27.99 -23.28
C PHE A 68 -2.36 -28.92 -24.31
N PRO A 69 -1.09 -28.66 -24.66
CA PRO A 69 -0.43 -29.52 -25.65
C PRO A 69 -0.19 -30.97 -25.23
N LYS A 70 -0.25 -31.26 -23.92
CA LYS A 70 -0.03 -32.61 -23.39
C LYS A 70 -1.35 -33.30 -23.08
N ALA A 71 -2.45 -32.75 -23.56
CA ALA A 71 -3.75 -33.35 -23.33
C ALA A 71 -3.79 -34.72 -24.01
N LEU A 72 -4.54 -35.66 -23.44
CA LEU A 72 -4.67 -36.97 -24.05
C LEU A 72 -5.45 -36.80 -25.35
N ASP A 73 -5.10 -37.59 -26.38
CA ASP A 73 -5.77 -37.50 -27.67
C ASP A 73 -7.29 -37.60 -27.60
N ASP A 74 -7.80 -38.45 -26.72
CA ASP A 74 -9.24 -38.62 -26.63
C ASP A 74 -9.95 -37.65 -25.69
N ARG A 75 -9.22 -36.70 -25.10
CA ARG A 75 -9.84 -35.73 -24.21
C ARG A 75 -9.68 -34.27 -24.64
N ILE A 76 -8.69 -33.98 -25.47
CA ILE A 76 -8.45 -32.61 -25.93
C ILE A 76 -9.71 -31.96 -26.50
N HIS A 77 -10.56 -32.73 -27.18
CA HIS A 77 -11.77 -32.15 -27.73
C HIS A 77 -12.74 -31.71 -26.65
N PHE A 78 -12.72 -32.35 -25.48
CA PHE A 78 -13.61 -31.93 -24.40
C PHE A 78 -13.20 -30.52 -23.96
N ALA A 79 -11.90 -30.29 -23.85
CA ALA A 79 -11.35 -29.00 -23.43
C ALA A 79 -11.67 -27.91 -24.45
N CYS A 80 -11.54 -28.25 -25.73
CA CYS A 80 -11.84 -27.30 -26.80
C CYS A 80 -13.29 -26.88 -26.82
N ARG A 81 -14.19 -27.82 -26.57
CA ARG A 81 -15.61 -27.51 -26.60
C ARG A 81 -15.98 -26.65 -25.40
N LEU A 82 -15.43 -27.00 -24.24
CA LEU A 82 -15.70 -26.26 -23.02
C LEU A 82 -15.19 -24.83 -23.13
N LEU A 83 -13.96 -24.66 -23.61
CA LEU A 83 -13.40 -23.32 -23.69
C LEU A 83 -14.11 -22.50 -24.78
N THR A 84 -14.50 -23.16 -25.86
CA THR A 84 -15.19 -22.51 -26.95
C THR A 84 -16.51 -21.92 -26.46
N VAL A 85 -17.30 -22.74 -25.77
CA VAL A 85 -18.56 -22.24 -25.31
C VAL A 85 -18.36 -21.12 -24.28
N LEU A 86 -17.31 -21.23 -23.44
CA LEU A 86 -17.02 -20.22 -22.44
C LEU A 86 -16.59 -18.91 -23.11
N PHE A 87 -15.76 -18.99 -24.15
CA PHE A 87 -15.36 -17.80 -24.88
C PHE A 87 -16.63 -17.18 -25.51
N LEU A 88 -17.49 -18.02 -26.07
CA LEU A 88 -18.72 -17.53 -26.70
C LEU A 88 -19.66 -16.83 -25.71
N ILE A 89 -19.88 -17.45 -24.56
CA ILE A 89 -20.75 -16.87 -23.54
C ILE A 89 -20.10 -15.58 -23.04
N ASP A 90 -18.79 -15.61 -22.84
CA ASP A 90 -18.05 -14.45 -22.37
C ASP A 90 -18.37 -13.23 -23.23
N ASP A 91 -18.36 -13.40 -24.56
CA ASP A 91 -18.66 -12.30 -25.46
C ASP A 91 -20.12 -11.85 -25.37
N LEU A 92 -21.03 -12.80 -25.24
CA LEU A 92 -22.45 -12.44 -25.12
C LEU A 92 -22.67 -11.60 -23.86
N LEU A 93 -22.04 -12.01 -22.77
CA LEU A 93 -22.17 -11.32 -21.49
C LEU A 93 -21.84 -9.84 -21.62
N GLU A 94 -21.10 -9.50 -22.67
CA GLU A 94 -20.71 -8.12 -22.93
C GLU A 94 -21.91 -7.20 -23.24
N TYR A 95 -23.02 -7.80 -23.68
CA TYR A 95 -24.22 -7.04 -24.00
C TYR A 95 -25.28 -7.20 -22.92
N MET A 96 -24.84 -7.50 -21.71
CA MET A 96 -25.78 -7.64 -20.61
C MET A 96 -25.31 -6.87 -19.36
N SER A 97 -26.20 -6.63 -18.44
CA SER A 97 -25.84 -5.97 -17.20
C SER A 97 -25.25 -7.07 -16.31
N PHE A 98 -24.59 -6.67 -15.23
CA PHE A 98 -24.02 -7.66 -14.32
C PHE A 98 -25.13 -8.60 -13.87
N GLU A 99 -26.28 -8.01 -13.54
CA GLU A 99 -27.43 -8.78 -13.07
C GLU A 99 -28.00 -9.73 -14.10
N GLU A 100 -28.11 -9.28 -15.35
CA GLU A 100 -28.63 -10.10 -16.43
C GLU A 100 -27.65 -11.24 -16.68
N GLY A 101 -26.38 -10.87 -16.85
CA GLY A 101 -25.33 -11.84 -17.08
C GLY A 101 -25.33 -12.88 -15.99
N SER A 102 -25.42 -12.43 -14.74
CA SER A 102 -25.44 -13.35 -13.62
C SER A 102 -26.60 -14.35 -13.72
N ALA A 103 -27.79 -13.86 -14.09
CA ALA A 103 -28.95 -14.75 -14.19
C ALA A 103 -28.73 -15.73 -15.34
N TYR A 104 -28.21 -15.21 -16.45
CA TYR A 104 -27.93 -16.04 -17.61
C TYR A 104 -27.09 -17.26 -17.16
N ASN A 105 -25.90 -17.01 -16.62
CA ASN A 105 -25.03 -18.11 -16.18
C ASN A 105 -25.62 -19.00 -15.08
N GLU A 106 -26.30 -18.39 -14.12
CA GLU A 106 -26.84 -19.16 -13.01
C GLU A 106 -27.83 -20.21 -13.51
N LYS A 107 -28.40 -19.97 -14.70
CA LYS A 107 -29.35 -20.88 -15.31
C LYS A 107 -28.61 -22.11 -15.82
N LEU A 108 -27.44 -21.88 -16.40
CA LEU A 108 -26.64 -22.94 -16.99
C LEU A 108 -25.87 -23.83 -16.03
N ILE A 109 -25.89 -23.50 -14.75
CA ILE A 109 -25.13 -24.31 -13.82
C ILE A 109 -25.84 -25.59 -13.44
N PRO A 110 -27.14 -25.50 -13.12
CA PRO A 110 -27.85 -26.73 -12.75
C PRO A 110 -27.90 -27.68 -13.97
N ILE A 111 -27.87 -27.12 -15.17
CA ILE A 111 -27.89 -27.93 -16.38
C ILE A 111 -26.54 -28.61 -16.56
N SER A 112 -25.46 -27.91 -16.20
CA SER A 112 -24.11 -28.46 -16.31
C SER A 112 -23.95 -29.68 -15.39
N ARG A 113 -24.52 -29.60 -14.20
CA ARG A 113 -24.49 -30.69 -13.23
C ARG A 113 -25.34 -31.84 -13.74
N GLY A 114 -26.27 -31.53 -14.65
CA GLY A 114 -27.16 -32.55 -15.18
C GLY A 114 -28.42 -32.66 -14.33
N ASP A 115 -28.62 -31.69 -13.43
CA ASP A 115 -29.78 -31.67 -12.53
C ASP A 115 -31.06 -31.18 -13.19
N VAL A 116 -30.92 -30.37 -14.23
CA VAL A 116 -32.07 -29.81 -14.93
C VAL A 116 -31.91 -30.03 -16.41
N LEU A 117 -32.99 -30.39 -17.07
CA LEU A 117 -32.97 -30.63 -18.50
C LEU A 117 -32.88 -29.31 -19.26
N PRO A 118 -32.27 -29.45 -20.49
CA PRO A 118 -32.10 -28.33 -21.43
C PRO A 118 -33.37 -27.88 -22.07
N ASP A 119 -33.44 -26.66 -22.49
CA ASP A 119 -34.57 -26.35 -23.34
C ASP A 119 -33.94 -26.54 -24.72
N ARG A 120 -34.30 -27.64 -25.33
CA ARG A 120 -33.79 -28.10 -26.63
C ARG A 120 -33.87 -27.02 -27.73
N SER A 121 -34.62 -25.94 -27.49
CA SER A 121 -34.73 -24.90 -28.50
C SER A 121 -33.80 -23.71 -28.20
N ILE A 122 -33.05 -23.82 -27.10
CA ILE A 122 -32.09 -22.79 -26.70
C ILE A 122 -30.73 -23.49 -26.75
N PRO A 123 -29.94 -23.24 -27.82
CA PRO A 123 -28.62 -23.78 -28.11
C PRO A 123 -27.58 -23.84 -26.98
N VAL A 124 -27.33 -22.71 -26.34
CA VAL A 124 -26.34 -22.71 -25.27
C VAL A 124 -26.73 -23.75 -24.23
N GLU A 125 -28.03 -23.80 -23.90
CA GLU A 125 -28.57 -24.74 -22.92
C GLU A 125 -28.34 -26.21 -23.21
N TYR A 126 -28.64 -26.67 -24.43
CA TYR A 126 -28.42 -28.07 -24.71
C TYR A 126 -26.98 -28.37 -25.06
N ILE A 127 -26.29 -27.37 -25.60
CA ILE A 127 -24.88 -27.57 -25.91
C ILE A 127 -24.12 -27.79 -24.59
N ILE A 128 -24.51 -27.05 -23.55
CA ILE A 128 -23.87 -27.17 -22.24
C ILE A 128 -24.23 -28.53 -21.61
N TYR A 129 -25.51 -28.88 -21.68
CA TYR A 129 -25.99 -30.15 -21.11
C TYR A 129 -25.30 -31.35 -21.75
N ASP A 130 -25.28 -31.35 -23.07
CA ASP A 130 -24.68 -32.47 -23.81
C ASP A 130 -23.18 -32.58 -23.59
N LEU A 131 -22.49 -31.45 -23.46
CA LEU A 131 -21.04 -31.50 -23.25
C LEU A 131 -20.72 -32.19 -21.93
N TRP A 132 -21.33 -31.72 -20.85
CA TRP A 132 -21.08 -32.32 -19.56
C TRP A 132 -21.54 -33.78 -19.48
N GLU A 133 -22.72 -34.06 -20.02
CA GLU A 133 -23.22 -35.44 -20.04
C GLU A 133 -22.17 -36.36 -20.69
N SER A 134 -21.55 -35.89 -21.78
CA SER A 134 -20.56 -36.69 -22.48
C SER A 134 -19.23 -36.77 -21.73
N MET A 135 -18.93 -35.75 -20.94
CA MET A 135 -17.68 -35.74 -20.17
C MET A 135 -17.81 -36.71 -19.01
N ARG A 136 -18.97 -36.71 -18.37
CA ARG A 136 -19.21 -37.62 -17.27
C ARG A 136 -19.28 -39.05 -17.80
N ALA A 137 -19.63 -39.18 -19.07
CA ALA A 137 -19.75 -40.50 -19.68
C ALA A 137 -18.37 -41.04 -20.02
N HIS A 138 -17.40 -40.14 -20.14
CA HIS A 138 -16.03 -40.53 -20.45
C HIS A 138 -15.20 -40.75 -19.18
N ASP A 139 -15.38 -39.89 -18.18
CA ASP A 139 -14.67 -40.01 -16.91
C ASP A 139 -15.45 -39.33 -15.78
N ARG A 140 -16.46 -40.04 -15.30
CA ARG A 140 -17.35 -39.59 -14.24
C ARG A 140 -16.73 -38.81 -13.09
N GLU A 141 -15.81 -39.44 -12.37
CA GLU A 141 -15.19 -38.82 -11.21
C GLU A 141 -14.41 -37.56 -11.55
N MET A 142 -13.59 -37.60 -12.59
CA MET A 142 -12.82 -36.41 -12.95
C MET A 142 -13.69 -35.29 -13.50
N ALA A 143 -14.74 -35.64 -14.24
CA ALA A 143 -15.62 -34.62 -14.78
C ALA A 143 -16.30 -33.86 -13.64
N ASP A 144 -16.74 -34.60 -12.62
CA ASP A 144 -17.39 -33.98 -11.46
C ASP A 144 -16.41 -33.10 -10.72
N GLU A 145 -15.13 -33.43 -10.80
CA GLU A 145 -14.11 -32.64 -10.12
C GLU A 145 -13.90 -31.24 -10.73
N ILE A 146 -14.19 -31.07 -12.02
CA ILE A 146 -14.01 -29.76 -12.64
C ILE A 146 -15.25 -28.89 -12.57
N LEU A 147 -16.34 -29.45 -12.05
CA LEU A 147 -17.58 -28.69 -11.94
C LEU A 147 -17.36 -27.39 -11.16
N GLU A 148 -16.90 -27.50 -9.92
CA GLU A 148 -16.68 -26.35 -9.07
C GLU A 148 -15.81 -25.26 -9.71
N PRO A 149 -14.65 -25.63 -10.30
CA PRO A 149 -13.76 -24.68 -10.96
C PRO A 149 -14.44 -23.92 -12.10
N VAL A 150 -15.28 -24.61 -12.86
CA VAL A 150 -16.00 -23.97 -13.95
C VAL A 150 -17.06 -23.01 -13.41
N PHE A 151 -17.79 -23.42 -12.37
CA PHE A 151 -18.83 -22.57 -11.81
C PHE A 151 -18.25 -21.34 -11.16
N LEU A 152 -17.09 -21.49 -10.51
CA LEU A 152 -16.44 -20.35 -9.88
C LEU A 152 -16.13 -19.36 -10.96
N PHE A 153 -15.56 -19.86 -12.05
CA PHE A 153 -15.20 -18.98 -13.16
C PHE A 153 -16.42 -18.30 -13.78
N MET A 154 -17.50 -19.08 -13.97
CA MET A 154 -18.71 -18.57 -14.59
C MET A 154 -19.31 -17.45 -13.76
N ARG A 155 -19.31 -17.63 -12.44
CA ARG A 155 -19.87 -16.62 -11.55
C ARG A 155 -18.99 -15.38 -11.47
N ALA A 156 -17.67 -15.58 -11.53
CA ALA A 156 -16.75 -14.45 -11.44
C ALA A 156 -16.89 -13.56 -12.67
N GLN A 157 -17.29 -14.15 -13.79
CA GLN A 157 -17.46 -13.42 -15.05
C GLN A 157 -18.46 -12.26 -14.97
N THR A 158 -19.23 -12.20 -13.87
CA THR A 158 -20.24 -11.14 -13.82
C THR A 158 -20.30 -10.27 -12.58
N ASP A 159 -19.45 -10.52 -11.58
CA ASP A 159 -19.53 -9.68 -10.39
C ASP A 159 -18.68 -8.41 -10.50
N ARG A 160 -18.93 -7.46 -9.60
CA ARG A 160 -18.21 -6.20 -9.58
C ARG A 160 -16.79 -6.32 -9.03
N THR A 161 -15.90 -5.47 -9.53
CA THR A 161 -14.50 -5.45 -9.15
C THR A 161 -14.19 -4.73 -7.83
N ARG A 162 -14.70 -3.51 -7.70
CA ARG A 162 -14.49 -2.68 -6.51
C ARG A 162 -13.10 -2.05 -6.57
N ALA A 163 -13.05 -0.78 -6.96
CA ALA A 163 -11.78 -0.06 -7.05
C ALA A 163 -11.22 0.26 -5.67
N ARG A 164 -9.93 0.02 -5.50
CA ARG A 164 -9.28 0.33 -4.23
C ARG A 164 -7.78 0.52 -4.47
N PRO A 165 -7.16 1.49 -3.76
CA PRO A 165 -5.73 1.70 -3.96
C PRO A 165 -5.02 0.34 -3.88
N MET A 166 -4.13 0.07 -4.82
CA MET A 166 -3.45 -1.21 -4.77
C MET A 166 -2.04 -1.14 -5.31
N GLY A 167 -1.09 -1.62 -4.52
CA GLY A 167 0.31 -1.63 -4.95
C GLY A 167 0.59 -2.92 -5.71
N LEU A 168 1.84 -3.07 -6.19
CA LEU A 168 2.21 -4.26 -6.94
C LEU A 168 1.96 -5.53 -6.13
N GLY A 169 2.35 -5.50 -4.85
CA GLY A 169 2.16 -6.64 -3.98
C GLY A 169 0.73 -7.11 -3.81
N GLY A 170 -0.18 -6.18 -3.54
CA GLY A 170 -1.57 -6.55 -3.37
C GLY A 170 -2.17 -7.02 -4.69
N TYR A 171 -1.83 -6.36 -5.80
CA TYR A 171 -2.33 -6.79 -7.10
C TYR A 171 -1.87 -8.21 -7.46
N LEU A 172 -0.62 -8.52 -7.18
CA LEU A 172 -0.11 -9.86 -7.48
C LEU A 172 -0.72 -10.95 -6.59
N GLU A 173 -0.98 -10.62 -5.33
CA GLU A 173 -1.56 -11.61 -4.42
C GLU A 173 -2.97 -11.93 -4.92
N TYR A 174 -3.60 -10.92 -5.48
CA TYR A 174 -4.92 -11.07 -6.03
C TYR A 174 -4.87 -12.04 -7.21
N ARG A 175 -4.00 -11.76 -8.18
CA ARG A 175 -3.91 -12.64 -9.36
C ARG A 175 -3.52 -14.07 -9.00
N GLU A 176 -2.84 -14.25 -7.87
CA GLU A 176 -2.46 -15.58 -7.41
C GLU A 176 -3.69 -16.47 -7.21
N ARG A 177 -4.81 -15.84 -6.85
CA ARG A 177 -6.06 -16.56 -6.61
C ARG A 177 -7.05 -16.40 -7.76
N ASP A 178 -6.56 -16.05 -8.94
CA ASP A 178 -7.44 -15.82 -10.09
C ASP A 178 -8.23 -17.07 -10.48
N VAL A 179 -9.56 -16.97 -10.51
CA VAL A 179 -10.37 -18.14 -10.85
C VAL A 179 -10.15 -18.65 -12.28
N GLY A 180 -9.78 -17.74 -13.18
CA GLY A 180 -9.51 -18.15 -14.55
C GLY A 180 -8.36 -19.13 -14.61
N LYS A 181 -7.24 -18.74 -14.00
CA LYS A 181 -6.04 -19.59 -13.96
C LYS A 181 -6.35 -20.90 -13.22
N GLU A 182 -7.18 -20.83 -12.19
CA GLU A 182 -7.57 -22.04 -11.46
C GLU A 182 -8.36 -22.94 -12.41
N LEU A 183 -9.16 -22.33 -13.28
CA LEU A 183 -9.94 -23.12 -14.23
C LEU A 183 -9.02 -23.83 -15.23
N LEU A 184 -8.03 -23.11 -15.74
CA LEU A 184 -7.13 -23.71 -16.72
C LEU A 184 -6.32 -24.86 -16.16
N ALA A 185 -5.86 -24.70 -14.91
CA ALA A 185 -5.06 -25.76 -14.28
C ALA A 185 -5.91 -26.99 -14.05
N ALA A 186 -7.16 -26.80 -13.63
CA ALA A 186 -8.03 -27.95 -13.38
C ALA A 186 -8.40 -28.63 -14.70
N LEU A 187 -8.72 -27.82 -15.71
CA LEU A 187 -9.08 -28.35 -17.00
C LEU A 187 -7.86 -29.06 -17.59
N MET A 188 -6.66 -28.55 -17.33
CA MET A 188 -5.49 -29.23 -17.83
C MET A 188 -5.39 -30.62 -17.19
N ARG A 189 -5.70 -30.71 -15.89
CA ARG A 189 -5.64 -32.00 -15.21
C ARG A 189 -6.66 -32.97 -15.78
N PHE A 190 -7.87 -32.49 -16.09
CA PHE A 190 -8.89 -33.36 -16.66
C PHE A 190 -8.47 -33.83 -18.05
N SER A 191 -7.84 -32.93 -18.81
CA SER A 191 -7.40 -33.23 -20.16
C SER A 191 -6.22 -34.19 -20.23
N MET A 192 -5.41 -34.22 -19.18
CA MET A 192 -4.24 -35.09 -19.14
C MET A 192 -4.48 -36.33 -18.27
N GLY A 193 -5.72 -36.49 -17.80
CA GLY A 193 -6.03 -37.64 -16.98
C GLY A 193 -5.23 -37.73 -15.69
N LEU A 194 -4.80 -36.60 -15.16
CA LEU A 194 -4.03 -36.58 -13.92
C LEU A 194 -4.93 -36.50 -12.70
N LYS A 195 -5.15 -37.62 -12.02
CA LYS A 195 -5.97 -37.60 -10.82
C LYS A 195 -4.98 -37.30 -9.71
N LEU A 196 -5.11 -36.13 -9.10
CA LEU A 196 -4.22 -35.70 -8.04
C LEU A 196 -4.93 -35.68 -6.71
N SER A 197 -4.37 -36.42 -5.75
CA SER A 197 -4.93 -36.51 -4.42
C SER A 197 -4.98 -35.12 -3.79
N PRO A 198 -5.66 -34.99 -2.64
CA PRO A 198 -5.75 -33.70 -1.97
C PRO A 198 -4.39 -33.26 -1.40
N SER A 199 -3.53 -34.23 -1.13
CA SER A 199 -2.20 -33.97 -0.59
C SER A 199 -1.23 -33.53 -1.69
N GLU A 200 -1.36 -34.13 -2.87
CA GLU A 200 -0.49 -33.78 -3.97
C GLU A 200 -0.74 -32.32 -4.36
N LEU A 201 -2.01 -31.92 -4.37
CA LEU A 201 -2.37 -30.56 -4.73
C LEU A 201 -1.84 -29.49 -3.79
N GLN A 202 -1.76 -29.81 -2.51
CA GLN A 202 -1.26 -28.84 -1.54
C GLN A 202 0.24 -28.64 -1.65
N ARG A 203 0.94 -29.66 -2.12
CA ARG A 203 2.39 -29.59 -2.28
C ARG A 203 2.72 -28.66 -3.44
N VAL A 204 1.76 -28.45 -4.33
CA VAL A 204 1.97 -27.61 -5.50
C VAL A 204 1.37 -26.20 -5.39
N ARG A 205 0.92 -25.83 -4.19
CA ARG A 205 0.32 -24.51 -3.99
C ARG A 205 1.21 -23.34 -4.38
N GLU A 206 2.46 -23.36 -3.94
CA GLU A 206 3.35 -22.25 -4.28
C GLU A 206 3.55 -22.19 -5.78
N ILE A 207 3.73 -23.35 -6.40
CA ILE A 207 3.97 -23.45 -7.84
C ILE A 207 2.75 -22.92 -8.60
N ASP A 208 1.56 -23.31 -8.16
CA ASP A 208 0.31 -22.86 -8.76
C ASP A 208 0.19 -21.33 -8.68
N ALA A 209 0.52 -20.80 -7.51
CA ALA A 209 0.46 -19.35 -7.27
C ALA A 209 1.46 -18.64 -8.15
N ASN A 210 2.66 -19.19 -8.23
CA ASN A 210 3.72 -18.61 -9.06
C ASN A 210 3.27 -18.53 -10.53
N CYS A 211 2.71 -19.62 -11.03
CA CYS A 211 2.21 -19.73 -12.40
C CYS A 211 1.08 -18.73 -12.70
N SER A 212 0.14 -18.59 -11.77
CA SER A 212 -0.96 -17.65 -11.93
C SER A 212 -0.46 -16.24 -12.22
N LYS A 213 0.50 -15.78 -11.42
CA LYS A 213 1.01 -14.42 -11.59
C LYS A 213 1.62 -14.25 -12.96
N HIS A 214 2.35 -15.27 -13.40
CA HIS A 214 2.99 -15.25 -14.69
C HIS A 214 1.99 -15.05 -15.83
N LEU A 215 0.97 -15.90 -15.88
CA LEU A 215 -0.03 -15.80 -16.94
C LEU A 215 -0.73 -14.45 -16.93
N SER A 216 -1.10 -13.97 -15.75
CA SER A 216 -1.79 -12.69 -15.61
C SER A 216 -0.89 -11.53 -16.03
N VAL A 217 0.35 -11.53 -15.55
CA VAL A 217 1.26 -10.46 -15.90
C VAL A 217 1.51 -10.45 -17.40
N VAL A 218 1.79 -11.62 -17.96
CA VAL A 218 2.02 -11.69 -19.38
C VAL A 218 0.77 -11.19 -20.12
N ASN A 219 -0.42 -11.50 -19.60
CA ASN A 219 -1.63 -11.01 -20.24
C ASN A 219 -1.67 -9.48 -20.11
N ASP A 220 -1.30 -8.97 -18.94
CA ASP A 220 -1.30 -7.51 -18.73
C ASP A 220 -0.39 -6.81 -19.70
N ILE A 221 0.80 -7.37 -19.90
CA ILE A 221 1.77 -6.77 -20.77
C ILE A 221 1.24 -6.51 -22.17
N TYR A 222 0.61 -7.51 -22.76
CA TYR A 222 0.07 -7.39 -24.11
C TYR A 222 -1.34 -6.81 -24.20
N SER A 223 -2.12 -6.84 -23.12
CA SER A 223 -3.48 -6.29 -23.18
C SER A 223 -3.57 -4.81 -22.77
N TYR A 224 -2.47 -4.26 -22.25
CA TYR A 224 -2.43 -2.87 -21.80
C TYR A 224 -2.94 -1.81 -22.78
N GLU A 225 -2.40 -1.80 -23.99
CA GLU A 225 -2.83 -0.81 -24.97
C GLU A 225 -4.36 -0.90 -25.17
N LYS A 226 -4.86 -2.12 -25.23
CA LYS A 226 -6.30 -2.35 -25.40
C LYS A 226 -7.11 -1.83 -24.22
N GLU A 227 -6.56 -1.95 -23.01
CA GLU A 227 -7.26 -1.48 -21.82
C GLU A 227 -7.35 0.04 -21.76
N LEU A 228 -6.44 0.72 -22.47
CA LEU A 228 -6.45 2.18 -22.55
C LEU A 228 -7.40 2.55 -23.70
N TYR A 229 -8.69 2.48 -23.45
CA TYR A 229 -9.67 2.80 -24.49
C TYR A 229 -10.87 3.56 -23.90
N THR A 230 -10.66 4.15 -22.73
CA THR A 230 -11.71 4.91 -22.05
C THR A 230 -11.82 6.31 -22.61
N LEU A 241 -6.66 0.85 -15.95
CA LEU A 241 -7.56 0.57 -14.83
C LEU A 241 -6.88 -0.25 -13.73
N CYS A 242 -7.06 -1.57 -13.78
CA CYS A 242 -6.46 -2.48 -12.78
C CYS A 242 -5.49 -3.45 -13.45
N THR A 243 -4.24 -3.03 -13.62
CA THR A 243 -3.24 -3.85 -14.29
C THR A 243 -1.83 -3.62 -13.76
N SER A 244 -1.02 -4.68 -13.73
CA SER A 244 0.35 -4.59 -13.22
C SER A 244 1.16 -3.55 -13.96
N VAL A 245 0.85 -3.35 -15.24
CA VAL A 245 1.53 -2.35 -16.04
C VAL A 245 1.31 -0.96 -15.43
N GLN A 246 0.06 -0.64 -15.18
CA GLN A 246 -0.34 0.63 -14.59
C GLN A 246 0.26 0.81 -13.20
N ILE A 247 0.07 -0.19 -12.36
CA ILE A 247 0.57 -0.15 -11.00
C ILE A 247 2.08 0.06 -10.92
N LEU A 248 2.85 -0.72 -11.68
CA LEU A 248 4.30 -0.58 -11.65
C LEU A 248 4.76 0.74 -12.28
N ALA A 249 4.14 1.18 -13.37
CA ALA A 249 4.63 2.41 -13.96
C ALA A 249 4.51 3.56 -12.97
N GLN A 250 3.43 3.59 -12.19
CA GLN A 250 3.30 4.70 -11.26
C GLN A 250 4.04 4.49 -9.93
N GLU A 251 4.29 3.26 -9.51
CA GLU A 251 5.02 3.08 -8.27
C GLU A 251 6.51 3.39 -8.51
N ALA A 252 7.01 3.04 -9.69
CA ALA A 252 8.40 3.29 -10.05
C ALA A 252 8.54 4.63 -10.76
N ASP A 253 7.42 5.21 -11.14
CA ASP A 253 7.39 6.49 -11.84
C ASP A 253 8.12 6.46 -13.18
N VAL A 254 7.72 5.52 -14.03
CA VAL A 254 8.31 5.39 -15.35
C VAL A 254 7.10 5.23 -16.29
N THR A 255 7.36 5.11 -17.59
CA THR A 255 6.24 4.95 -18.54
C THR A 255 5.74 3.49 -18.59
N ALA A 256 4.55 3.30 -19.14
CA ALA A 256 3.97 1.96 -19.28
C ALA A 256 4.94 1.04 -20.04
N GLU A 257 5.49 1.54 -21.14
CA GLU A 257 6.44 0.73 -21.92
C GLU A 257 7.62 0.23 -21.04
N ALA A 258 8.16 1.09 -20.19
CA ALA A 258 9.26 0.69 -19.32
C ALA A 258 8.78 -0.35 -18.30
N ALA A 259 7.59 -0.13 -17.76
CA ALA A 259 7.02 -1.07 -16.80
C ALA A 259 6.91 -2.43 -17.47
N LYS A 260 6.45 -2.43 -18.72
CA LYS A 260 6.31 -3.70 -19.43
C LYS A 260 7.63 -4.41 -19.48
N ARG A 261 8.70 -3.67 -19.81
CA ARG A 261 10.02 -4.26 -19.90
C ARG A 261 10.46 -4.84 -18.56
N VAL A 262 10.16 -4.14 -17.47
CA VAL A 262 10.52 -4.62 -16.13
C VAL A 262 9.69 -5.82 -15.70
N LEU A 263 8.39 -5.78 -15.99
CA LEU A 263 7.50 -6.90 -15.62
C LEU A 263 7.88 -8.17 -16.37
N PHE A 264 8.38 -7.99 -17.60
CA PHE A 264 8.77 -9.14 -18.40
C PHE A 264 9.95 -9.87 -17.76
N VAL A 265 10.88 -9.12 -17.18
CA VAL A 265 12.02 -9.74 -16.55
C VAL A 265 11.54 -10.46 -15.29
N MET A 266 10.59 -9.84 -14.58
CA MET A 266 10.02 -10.45 -13.38
C MET A 266 9.40 -11.79 -13.77
N CYS A 267 8.72 -11.83 -14.92
CA CYS A 267 8.08 -13.08 -15.39
C CYS A 267 9.13 -14.16 -15.57
N ARG A 268 10.28 -13.77 -16.11
CA ARG A 268 11.36 -14.72 -16.29
C ARG A 268 11.87 -15.19 -14.92
N GLU A 269 11.84 -14.30 -13.93
CA GLU A 269 12.26 -14.69 -12.60
C GLU A 269 11.27 -15.71 -12.08
N TRP A 270 10.00 -15.59 -12.49
CA TRP A 270 9.03 -16.57 -12.02
C TRP A 270 9.20 -17.89 -12.74
N GLU A 271 9.82 -17.87 -13.93
CA GLU A 271 10.05 -19.11 -14.67
C GLU A 271 11.15 -19.88 -13.93
N LEU A 272 12.16 -19.15 -13.50
CA LEU A 272 13.27 -19.72 -12.77
C LEU A 272 12.74 -20.27 -11.45
N ARG A 273 11.91 -19.48 -10.77
CA ARG A 273 11.34 -19.92 -9.50
C ARG A 273 10.52 -21.21 -9.67
N HIS A 274 9.81 -21.31 -10.80
CA HIS A 274 9.02 -22.51 -11.07
C HIS A 274 9.96 -23.73 -11.12
N GLN A 275 11.03 -23.59 -11.90
CA GLN A 275 12.01 -24.65 -12.03
C GLN A 275 12.64 -24.98 -10.68
N LEU A 276 12.94 -23.95 -9.88
CA LEU A 276 13.54 -24.17 -8.57
C LEU A 276 12.57 -24.87 -7.64
N LEU A 277 11.32 -24.45 -7.65
CA LEU A 277 10.32 -25.07 -6.79
C LEU A 277 10.14 -26.52 -7.20
N VAL A 278 10.26 -26.81 -8.48
CA VAL A 278 10.08 -28.17 -8.93
C VAL A 278 11.29 -28.98 -8.51
N ALA A 279 12.47 -28.39 -8.61
CA ALA A 279 13.69 -29.09 -8.21
C ALA A 279 13.62 -29.46 -6.73
N ARG A 280 13.21 -28.52 -5.88
CA ARG A 280 13.12 -28.78 -4.43
C ARG A 280 12.10 -29.87 -4.16
N LEU A 281 10.90 -29.69 -4.68
CA LEU A 281 9.83 -30.67 -4.51
C LEU A 281 10.42 -32.05 -4.79
N SER A 282 11.22 -32.13 -5.84
CA SER A 282 11.85 -33.38 -6.23
C SER A 282 12.95 -33.78 -5.24
N ALA A 283 13.78 -32.82 -4.85
CA ALA A 283 14.87 -33.10 -3.90
C ALA A 283 14.30 -33.74 -2.65
N GLU A 284 13.28 -33.10 -2.11
CA GLU A 284 12.58 -33.67 -0.99
C GLU A 284 11.92 -34.92 -1.55
N GLY A 285 11.22 -35.73 -0.76
CA GLY A 285 10.64 -36.92 -1.35
C GLY A 285 9.17 -36.79 -1.77
N LEU A 286 8.76 -35.63 -2.24
CA LEU A 286 7.33 -35.46 -2.59
C LEU A 286 7.01 -35.00 -4.01
N GLU A 287 7.39 -35.78 -5.01
CA GLU A 287 7.05 -35.47 -6.39
C GLU A 287 6.67 -36.76 -7.10
N THR A 288 5.38 -37.08 -7.07
CA THR A 288 4.87 -38.28 -7.73
C THR A 288 4.91 -38.08 -9.24
N PRO A 289 4.54 -39.11 -10.00
CA PRO A 289 4.54 -39.00 -11.47
C PRO A 289 3.44 -38.06 -11.95
N GLY A 290 2.31 -38.07 -11.25
CA GLY A 290 1.21 -37.20 -11.62
C GLY A 290 1.64 -35.76 -11.42
N LEU A 291 2.31 -35.52 -10.30
CA LEU A 291 2.79 -34.17 -10.01
C LEU A 291 3.77 -33.69 -11.05
N ALA A 292 4.65 -34.58 -11.50
CA ALA A 292 5.66 -34.23 -12.48
C ALA A 292 5.02 -33.81 -13.80
N ALA A 293 4.02 -34.55 -14.24
CA ALA A 293 3.37 -34.21 -15.50
C ALA A 293 2.57 -32.93 -15.32
N TYR A 294 2.07 -32.72 -14.11
CA TYR A 294 1.28 -31.52 -13.84
C TYR A 294 2.08 -30.24 -13.98
N VAL A 295 3.21 -30.15 -13.27
CA VAL A 295 4.03 -28.95 -13.29
C VAL A 295 4.65 -28.73 -14.67
N GLU A 296 4.91 -29.82 -15.39
CA GLU A 296 5.43 -29.65 -16.76
C GLU A 296 4.27 -29.06 -17.54
N GLY A 297 3.06 -29.49 -17.22
CA GLY A 297 1.87 -28.97 -17.89
C GLY A 297 1.71 -27.47 -17.68
N LEU A 298 2.10 -26.98 -16.50
CA LEU A 298 1.99 -25.57 -16.19
C LEU A 298 3.02 -24.75 -16.98
N GLU A 299 4.17 -25.35 -17.22
CA GLU A 299 5.23 -24.68 -17.96
C GLU A 299 4.75 -24.34 -19.38
N TYR A 300 4.08 -25.30 -20.05
CA TYR A 300 3.57 -25.04 -21.39
C TYR A 300 2.36 -24.10 -21.36
N GLN A 301 1.66 -24.05 -20.24
CA GLN A 301 0.55 -23.11 -20.14
C GLN A 301 1.19 -21.72 -20.14
N MET A 302 2.28 -21.58 -19.40
CA MET A 302 2.98 -20.28 -19.33
C MET A 302 3.53 -19.84 -20.70
N SER A 303 4.27 -20.71 -21.38
CA SER A 303 4.82 -20.37 -22.69
C SER A 303 3.68 -20.22 -23.71
N GLY A 304 2.66 -21.06 -23.61
CA GLY A 304 1.53 -20.98 -24.51
C GLY A 304 0.75 -19.67 -24.35
N ASN A 305 0.48 -19.29 -23.10
CA ASN A 305 -0.24 -18.05 -22.80
C ASN A 305 0.57 -16.87 -23.36
N GLU A 306 1.90 -16.97 -23.31
CA GLU A 306 2.73 -15.89 -23.83
C GLU A 306 2.52 -15.74 -25.35
N LEU A 307 2.64 -16.84 -26.09
CA LEU A 307 2.45 -16.78 -27.53
C LEU A 307 1.04 -16.30 -27.84
N TRP A 308 0.05 -16.85 -27.14
CA TRP A 308 -1.33 -16.42 -27.35
C TRP A 308 -1.47 -14.91 -27.08
N SER A 309 -0.89 -14.45 -25.97
CA SER A 309 -0.94 -13.03 -25.59
C SER A 309 -0.31 -12.16 -26.67
N GLN A 310 0.68 -12.72 -27.34
CA GLN A 310 1.42 -12.00 -28.38
C GLN A 310 0.64 -11.93 -29.70
N THR A 311 -0.28 -12.89 -29.92
CA THR A 311 -0.96 -12.94 -31.21
C THR A 311 -2.46 -12.74 -31.24
N THR A 312 -3.15 -13.04 -30.13
CA THR A 312 -4.60 -12.91 -30.08
C THR A 312 -5.14 -11.55 -30.56
N LEU A 313 -6.24 -11.58 -31.30
CA LEU A 313 -6.85 -10.34 -31.78
C LEU A 313 -7.66 -9.71 -30.65
N ARG A 314 -7.80 -10.46 -29.56
CA ARG A 314 -8.53 -9.98 -28.39
C ARG A 314 -7.80 -8.79 -27.76
N TYR A 315 -6.51 -8.65 -28.06
CA TYR A 315 -5.71 -7.56 -27.50
C TYR A 315 -5.37 -6.45 -28.52
N SER A 316 -5.86 -6.60 -29.76
CA SER A 316 -5.58 -5.61 -30.80
C SER A 316 -6.51 -4.40 -30.78
N VAL A 317 -6.11 -3.38 -31.52
CA VAL A 317 -6.84 -2.12 -31.67
C VAL A 317 -8.11 -2.02 -30.83
N SER B 13 -26.78 16.18 6.62
CA SER B 13 -25.78 17.00 7.35
C SER B 13 -24.85 16.14 8.20
N LEU B 14 -23.55 16.39 8.07
CA LEU B 14 -22.51 15.65 8.77
C LEU B 14 -22.63 15.56 10.29
N GLU B 15 -22.78 16.72 10.92
CA GLU B 15 -22.86 16.80 12.37
C GLU B 15 -21.48 16.49 12.94
N PRO B 16 -20.61 17.51 13.02
CA PRO B 16 -19.26 17.30 13.55
C PRO B 16 -19.34 16.64 14.92
N PRO B 17 -18.32 15.85 15.28
CA PRO B 17 -18.37 15.24 16.60
C PRO B 17 -17.90 16.27 17.61
N PRO B 18 -18.09 16.02 18.92
CA PRO B 18 -17.66 16.96 19.95
C PRO B 18 -16.18 17.34 19.85
N SER B 19 -15.86 18.56 20.27
CA SER B 19 -14.49 19.04 20.24
C SER B 19 -14.22 19.96 21.42
N THR B 20 -12.96 19.99 21.85
CA THR B 20 -12.58 20.84 22.96
C THR B 20 -11.99 22.15 22.44
N PHE B 21 -11.87 22.25 21.11
CA PHE B 21 -11.35 23.46 20.48
C PHE B 21 -12.56 24.31 20.04
N GLN B 22 -12.33 25.58 19.78
CA GLN B 22 -13.40 26.45 19.31
C GLN B 22 -12.84 27.56 18.43
N PRO B 23 -13.55 27.90 17.33
CA PRO B 23 -13.06 28.95 16.45
C PRO B 23 -13.09 30.29 17.16
N LEU B 24 -12.18 31.17 16.78
CA LEU B 24 -12.06 32.51 17.36
C LEU B 24 -11.61 33.44 16.23
N CYS B 25 -12.15 34.65 16.18
CA CYS B 25 -11.77 35.58 15.11
C CYS B 25 -10.97 36.72 15.71
N HIS B 26 -10.01 37.25 14.95
CA HIS B 26 -9.20 38.35 15.46
C HIS B 26 -10.06 39.58 15.83
N PRO B 27 -9.77 40.21 16.98
CA PRO B 27 -10.48 41.40 17.47
C PRO B 27 -10.72 42.50 16.44
N LEU B 28 -9.70 42.82 15.65
CA LEU B 28 -9.80 43.89 14.65
C LEU B 28 -10.32 43.45 13.29
N VAL B 29 -10.98 42.30 13.24
CA VAL B 29 -11.48 41.77 11.98
C VAL B 29 -12.20 42.79 11.07
N GLU B 30 -13.19 43.50 11.62
CA GLU B 30 -13.95 44.48 10.83
C GLU B 30 -13.08 45.61 10.31
N GLU B 31 -12.20 46.11 11.16
CA GLU B 31 -11.31 47.19 10.81
C GLU B 31 -10.28 46.81 9.72
N VAL B 32 -9.48 45.78 9.96
CA VAL B 32 -8.47 45.35 8.99
C VAL B 32 -9.10 44.94 7.67
N SER B 33 -10.24 44.26 7.78
CA SER B 33 -10.97 43.80 6.62
C SER B 33 -11.29 44.96 5.67
N LYS B 34 -11.87 46.03 6.18
CA LYS B 34 -12.21 47.15 5.32
C LYS B 34 -10.95 47.79 4.73
N GLU B 35 -9.92 47.94 5.56
CA GLU B 35 -8.66 48.52 5.12
C GLU B 35 -8.08 47.72 3.94
N VAL B 36 -7.82 46.45 4.16
CA VAL B 36 -7.25 45.58 3.13
C VAL B 36 -8.14 45.38 1.91
N ASP B 37 -9.44 45.24 2.12
CA ASP B 37 -10.35 45.07 1.00
C ASP B 37 -10.31 46.33 0.13
N GLY B 38 -10.29 47.49 0.78
CA GLY B 38 -10.25 48.73 0.05
C GLY B 38 -9.01 48.82 -0.82
N TYR B 39 -7.87 48.52 -0.22
CA TYR B 39 -6.60 48.56 -0.92
C TYR B 39 -6.63 47.79 -2.23
N PHE B 40 -7.14 46.56 -2.18
CA PHE B 40 -7.18 45.73 -3.37
C PHE B 40 -8.19 46.14 -4.43
N LEU B 41 -9.37 46.59 -4.00
CA LEU B 41 -10.39 47.02 -4.95
C LEU B 41 -9.84 48.26 -5.65
N GLN B 42 -8.98 48.98 -4.93
CA GLN B 42 -8.35 50.16 -5.44
C GLN B 42 -7.26 49.86 -6.46
N HIS B 43 -6.39 48.89 -6.13
CA HIS B 43 -5.21 48.59 -6.98
C HIS B 43 -5.32 47.36 -7.89
N TRP B 44 -6.08 46.34 -7.49
CA TRP B 44 -6.17 45.13 -8.29
C TRP B 44 -7.03 45.29 -9.56
N ASN B 45 -6.56 44.72 -10.66
CA ASN B 45 -7.28 44.83 -11.91
C ASN B 45 -8.37 43.77 -12.08
N PHE B 46 -9.50 43.94 -11.41
CA PHE B 46 -10.58 42.97 -11.57
C PHE B 46 -11.18 43.11 -12.97
N PRO B 47 -11.66 41.99 -13.54
CA PRO B 47 -12.25 42.01 -14.89
C PRO B 47 -13.55 42.81 -15.01
N ASN B 48 -14.46 42.63 -14.06
CA ASN B 48 -15.74 43.35 -14.09
C ASN B 48 -16.35 43.49 -12.72
N GLU B 49 -17.54 44.10 -12.68
CA GLU B 49 -18.28 44.34 -11.45
C GLU B 49 -18.67 43.07 -10.69
N LYS B 50 -18.99 42.02 -11.41
CA LYS B 50 -19.37 40.75 -10.81
C LYS B 50 -18.20 40.25 -9.97
N ALA B 51 -17.00 40.33 -10.54
CA ALA B 51 -15.77 39.90 -9.87
C ALA B 51 -15.46 40.79 -8.67
N ARG B 52 -15.77 42.07 -8.80
CA ARG B 52 -15.51 43.05 -7.74
C ARG B 52 -16.23 42.69 -6.45
N LYS B 53 -17.52 42.39 -6.54
CA LYS B 53 -18.29 42.05 -5.36
C LYS B 53 -18.24 40.57 -5.01
N LYS B 54 -17.64 39.78 -5.90
CA LYS B 54 -17.46 38.39 -5.57
C LYS B 54 -16.32 38.35 -4.59
N PHE B 55 -15.42 39.31 -4.81
CA PHE B 55 -14.23 39.50 -3.99
C PHE B 55 -14.58 39.97 -2.58
N VAL B 56 -15.50 40.91 -2.47
CA VAL B 56 -15.89 41.40 -1.16
C VAL B 56 -16.60 40.28 -0.41
N ALA B 57 -17.44 39.55 -1.12
CA ALA B 57 -18.16 38.44 -0.50
C ALA B 57 -17.19 37.36 0.02
N ALA B 58 -16.09 37.14 -0.70
CA ALA B 58 -15.10 36.15 -0.28
C ALA B 58 -14.54 36.49 1.11
N GLY B 59 -14.28 37.77 1.34
CA GLY B 59 -13.74 38.22 2.61
C GLY B 59 -12.46 37.53 3.04
N PHE B 60 -11.43 37.63 2.22
CA PHE B 60 -10.15 37.01 2.53
C PHE B 60 -9.56 37.45 3.87
N SER B 61 -9.68 38.73 4.19
CA SER B 61 -9.17 39.24 5.46
C SER B 61 -9.88 38.61 6.64
N ARG B 62 -11.17 38.34 6.49
CA ARG B 62 -11.93 37.73 7.57
C ARG B 62 -11.47 36.27 7.72
N VAL B 63 -11.06 35.69 6.59
CA VAL B 63 -10.57 34.33 6.60
C VAL B 63 -9.30 34.35 7.43
N THR B 64 -8.38 35.23 7.04
CA THR B 64 -7.10 35.38 7.70
C THR B 64 -7.25 35.61 9.19
N CYS B 65 -8.25 36.41 9.56
CA CYS B 65 -8.48 36.73 10.96
C CYS B 65 -9.03 35.53 11.72
N LEU B 66 -9.65 34.61 10.98
CA LEU B 66 -10.21 33.41 11.59
C LEU B 66 -9.05 32.44 11.84
N TYR B 67 -8.06 32.44 10.95
CA TYR B 67 -6.91 31.54 11.09
C TYR B 67 -5.85 32.01 12.08
N PHE B 68 -5.69 33.32 12.22
CA PHE B 68 -4.70 33.91 13.12
C PHE B 68 -5.36 34.85 14.12
N PRO B 69 -6.33 34.34 14.90
CA PRO B 69 -7.01 35.21 15.87
C PRO B 69 -6.12 35.88 16.91
N LYS B 70 -4.92 35.35 17.14
CA LYS B 70 -3.99 35.92 18.12
C LYS B 70 -2.84 36.72 17.52
N ALA B 71 -2.92 37.08 16.25
CA ALA B 71 -1.84 37.86 15.65
C ALA B 71 -1.75 39.20 16.37
N LEU B 72 -0.57 39.82 16.34
CA LEU B 72 -0.43 41.12 16.99
C LEU B 72 -1.31 42.11 16.22
N ASP B 73 -1.85 43.09 16.94
CA ASP B 73 -2.74 44.10 16.35
C ASP B 73 -2.16 44.88 15.18
N ASP B 74 -0.85 45.11 15.18
CA ASP B 74 -0.23 45.86 14.10
C ASP B 74 0.42 45.00 13.00
N ARG B 75 0.20 43.69 13.01
CA ARG B 75 0.80 42.86 11.98
C ARG B 75 -0.23 42.01 11.26
N ILE B 76 -1.46 41.99 11.77
CA ILE B 76 -2.49 41.19 11.17
C ILE B 76 -2.82 41.65 9.75
N HIS B 77 -2.67 42.94 9.47
CA HIS B 77 -3.00 43.39 8.12
C HIS B 77 -1.98 42.86 7.12
N PHE B 78 -0.75 42.66 7.57
CA PHE B 78 0.28 42.11 6.69
C PHE B 78 -0.20 40.72 6.22
N ALA B 79 -0.60 39.90 7.19
CA ALA B 79 -1.08 38.56 6.91
C ALA B 79 -2.25 38.58 5.94
N CYS B 80 -3.21 39.45 6.20
CA CYS B 80 -4.37 39.57 5.33
C CYS B 80 -3.95 39.97 3.92
N ARG B 81 -3.01 40.91 3.81
CA ARG B 81 -2.54 41.34 2.49
C ARG B 81 -1.86 40.20 1.74
N LEU B 82 -1.02 39.45 2.44
CA LEU B 82 -0.29 38.35 1.81
C LEU B 82 -1.23 37.25 1.38
N LEU B 83 -2.17 36.88 2.25
CA LEU B 83 -3.10 35.82 1.90
C LEU B 83 -4.08 36.25 0.82
N THR B 84 -4.49 37.51 0.86
CA THR B 84 -5.41 38.00 -0.17
C THR B 84 -4.76 37.93 -1.54
N VAL B 85 -3.56 38.46 -1.67
CA VAL B 85 -2.89 38.43 -2.97
C VAL B 85 -2.59 37.01 -3.45
N LEU B 86 -2.29 36.10 -2.53
CA LEU B 86 -2.02 34.72 -2.90
C LEU B 86 -3.32 34.02 -3.31
N PHE B 87 -4.43 34.36 -2.67
CA PHE B 87 -5.72 33.77 -3.03
C PHE B 87 -6.04 34.26 -4.44
N LEU B 88 -5.88 35.57 -4.64
CA LEU B 88 -6.12 36.15 -5.96
C LEU B 88 -5.24 35.50 -7.01
N ILE B 89 -3.95 35.40 -6.74
CA ILE B 89 -3.04 34.78 -7.71
C ILE B 89 -3.43 33.33 -7.93
N ASP B 90 -3.78 32.63 -6.86
CA ASP B 90 -4.18 31.23 -6.98
C ASP B 90 -5.32 31.11 -7.98
N ASP B 91 -6.38 31.89 -7.78
CA ASP B 91 -7.52 31.86 -8.68
C ASP B 91 -7.14 32.19 -10.13
N LEU B 92 -6.11 33.00 -10.32
CA LEU B 92 -5.65 33.38 -11.65
C LEU B 92 -4.90 32.26 -12.37
N LEU B 93 -4.08 31.52 -11.62
CA LEU B 93 -3.30 30.42 -12.19
C LEU B 93 -4.21 29.34 -12.77
N GLU B 94 -5.49 29.40 -12.41
CA GLU B 94 -6.48 28.44 -12.88
C GLU B 94 -6.68 28.51 -14.40
N TYR B 95 -6.59 29.73 -14.94
CA TYR B 95 -6.79 29.97 -16.36
C TYR B 95 -5.53 30.03 -17.22
N MET B 96 -4.43 29.49 -16.72
CA MET B 96 -3.20 29.52 -17.51
C MET B 96 -2.43 28.20 -17.48
N SER B 97 -1.69 27.95 -18.54
CA SER B 97 -0.92 26.72 -18.65
C SER B 97 0.13 26.59 -17.57
N PHE B 98 0.73 25.41 -17.47
CA PHE B 98 1.77 25.16 -16.48
C PHE B 98 2.94 26.11 -16.68
N GLU B 99 3.43 26.18 -17.92
CA GLU B 99 4.57 27.03 -18.26
C GLU B 99 4.36 28.52 -17.98
N GLU B 100 3.13 29.00 -18.18
CA GLU B 100 2.81 30.41 -17.96
C GLU B 100 2.60 30.70 -16.48
N GLY B 101 1.87 29.81 -15.80
CA GLY B 101 1.62 29.99 -14.38
C GLY B 101 2.93 29.96 -13.62
N SER B 102 3.79 29.02 -13.98
CA SER B 102 5.08 28.92 -13.32
C SER B 102 5.90 30.18 -13.62
N ALA B 103 5.91 30.60 -14.88
CA ALA B 103 6.63 31.78 -15.30
C ALA B 103 6.07 33.02 -14.57
N TYR B 104 4.76 33.06 -14.42
CA TYR B 104 4.09 34.13 -13.71
C TYR B 104 4.66 34.28 -12.30
N ASN B 105 4.61 33.19 -11.54
CA ASN B 105 5.12 33.20 -10.17
C ASN B 105 6.64 33.40 -10.04
N GLU B 106 7.44 32.74 -10.87
CA GLU B 106 8.89 32.89 -10.76
C GLU B 106 9.32 34.34 -10.91
N LYS B 107 8.50 35.13 -11.60
CA LYS B 107 8.83 36.54 -11.81
C LYS B 107 8.56 37.37 -10.56
N LEU B 108 7.60 36.95 -9.76
CA LEU B 108 7.24 37.67 -8.54
C LEU B 108 8.17 37.37 -7.37
N ILE B 109 8.98 36.34 -7.51
CA ILE B 109 9.86 35.96 -6.41
C ILE B 109 11.01 36.92 -6.20
N PRO B 110 11.73 37.30 -7.27
CA PRO B 110 12.83 38.26 -7.09
C PRO B 110 12.25 39.58 -6.60
N ILE B 111 11.09 39.93 -7.14
CA ILE B 111 10.40 41.16 -6.75
C ILE B 111 10.08 41.07 -5.25
N SER B 112 9.56 39.93 -4.80
CA SER B 112 9.25 39.73 -3.38
C SER B 112 10.47 39.93 -2.49
N ARG B 113 11.65 39.50 -2.97
CA ARG B 113 12.90 39.63 -2.21
C ARG B 113 13.35 41.09 -2.21
N GLY B 114 12.72 41.89 -3.07
CA GLY B 114 13.10 43.29 -3.18
C GLY B 114 14.30 43.44 -4.10
N ASP B 115 14.81 42.33 -4.61
CA ASP B 115 15.98 42.35 -5.50
C ASP B 115 15.72 42.98 -6.85
N VAL B 116 14.47 42.93 -7.30
CA VAL B 116 14.12 43.49 -8.59
C VAL B 116 12.95 44.47 -8.45
N LEU B 117 13.03 45.65 -9.12
CA LEU B 117 12.06 46.79 -9.07
C LEU B 117 10.74 46.55 -9.83
N PRO B 118 9.58 46.98 -9.29
CA PRO B 118 8.34 46.66 -9.99
C PRO B 118 8.19 47.26 -11.29
N ASP B 119 7.25 46.79 -12.02
CA ASP B 119 6.88 47.55 -13.14
C ASP B 119 5.64 48.27 -12.60
N ARG B 120 5.86 49.42 -11.99
CA ARG B 120 4.78 50.21 -11.39
C ARG B 120 3.47 50.28 -12.18
N SER B 121 3.48 49.74 -13.40
CA SER B 121 2.29 49.75 -14.25
C SER B 121 1.56 48.40 -14.19
N ILE B 122 2.11 47.45 -13.43
CA ILE B 122 1.49 46.14 -13.29
C ILE B 122 1.13 45.93 -11.82
N PRO B 123 -0.16 46.02 -11.51
CA PRO B 123 -0.65 45.84 -10.14
C PRO B 123 0.01 44.76 -9.30
N VAL B 124 -0.18 43.49 -9.67
CA VAL B 124 0.39 42.43 -8.87
C VAL B 124 1.87 42.65 -8.56
N GLU B 125 2.62 43.20 -9.50
CA GLU B 125 4.04 43.42 -9.26
C GLU B 125 4.35 44.46 -8.20
N TYR B 126 3.70 45.63 -8.25
CA TYR B 126 4.02 46.62 -7.22
C TYR B 126 3.31 46.34 -5.91
N ILE B 127 2.20 45.61 -5.96
CA ILE B 127 1.49 45.24 -4.74
C ILE B 127 2.40 44.29 -3.95
N ILE B 128 2.91 43.27 -4.64
CA ILE B 128 3.80 42.29 -4.04
C ILE B 128 5.04 43.00 -3.51
N TYR B 129 5.65 43.82 -4.36
CA TYR B 129 6.87 44.54 -3.99
C TYR B 129 6.67 45.43 -2.76
N ASP B 130 5.65 46.28 -2.81
CA ASP B 130 5.37 47.20 -1.70
C ASP B 130 5.09 46.42 -0.43
N LEU B 131 4.35 45.32 -0.56
CA LEU B 131 3.98 44.48 0.57
C LEU B 131 5.19 43.99 1.35
N TRP B 132 6.15 43.40 0.64
CA TRP B 132 7.34 42.88 1.28
C TRP B 132 8.24 44.00 1.80
N GLU B 133 8.29 45.11 1.07
CA GLU B 133 9.09 46.26 1.49
C GLU B 133 8.60 46.71 2.87
N SER B 134 7.27 46.82 2.99
CA SER B 134 6.64 47.26 4.22
C SER B 134 6.78 46.24 5.34
N MET B 135 6.83 44.96 4.99
CA MET B 135 7.00 43.93 6.01
C MET B 135 8.41 44.01 6.59
N ARG B 136 9.41 44.10 5.71
CA ARG B 136 10.81 44.20 6.16
C ARG B 136 11.02 45.46 6.98
N ALA B 137 10.39 46.54 6.55
CA ALA B 137 10.49 47.82 7.24
C ALA B 137 9.93 47.72 8.65
N HIS B 138 9.00 46.80 8.85
CA HIS B 138 8.38 46.59 10.16
C HIS B 138 9.21 45.63 11.01
N ASP B 139 9.81 44.63 10.36
CA ASP B 139 10.62 43.63 11.04
C ASP B 139 11.40 42.86 9.98
N ARG B 140 12.62 43.30 9.68
CA ARG B 140 13.39 42.62 8.65
C ARG B 140 13.72 41.16 8.96
N GLU B 141 14.11 40.90 10.19
CA GLU B 141 14.50 39.55 10.59
C GLU B 141 13.40 38.53 10.27
N MET B 142 12.24 38.74 10.88
CA MET B 142 11.12 37.84 10.69
C MET B 142 10.55 37.84 9.28
N ALA B 143 10.66 38.98 8.59
CA ALA B 143 10.17 39.12 7.23
C ALA B 143 11.02 38.30 6.27
N ASP B 144 12.31 38.20 6.55
CA ASP B 144 13.17 37.43 5.68
C ASP B 144 13.01 35.93 5.92
N GLU B 145 12.62 35.56 7.14
CA GLU B 145 12.45 34.17 7.53
C GLU B 145 11.26 33.50 6.85
N ILE B 146 10.24 34.31 6.54
CA ILE B 146 9.04 33.77 5.91
C ILE B 146 9.07 33.80 4.38
N LEU B 147 10.17 34.30 3.82
CA LEU B 147 10.30 34.35 2.36
C LEU B 147 10.32 32.97 1.70
N GLU B 148 11.14 32.06 2.22
CA GLU B 148 11.23 30.74 1.61
C GLU B 148 9.93 29.94 1.72
N PRO B 149 9.27 29.98 2.90
CA PRO B 149 8.02 29.24 3.04
C PRO B 149 7.04 29.68 1.97
N VAL B 150 7.07 30.98 1.66
CA VAL B 150 6.19 31.57 0.66
C VAL B 150 6.57 31.11 -0.73
N PHE B 151 7.86 31.14 -1.04
CA PHE B 151 8.34 30.74 -2.36
C PHE B 151 8.03 29.28 -2.62
N LEU B 152 8.23 28.46 -1.61
CA LEU B 152 7.93 27.04 -1.68
C LEU B 152 6.46 26.90 -2.06
N PHE B 153 5.59 27.59 -1.34
CA PHE B 153 4.17 27.54 -1.62
C PHE B 153 3.87 27.99 -3.06
N MET B 154 4.47 29.12 -3.44
CA MET B 154 4.25 29.68 -4.76
C MET B 154 4.68 28.73 -5.87
N ARG B 155 5.79 28.02 -5.66
CA ARG B 155 6.24 27.08 -6.67
C ARG B 155 5.33 25.85 -6.72
N ALA B 156 4.78 25.45 -5.59
CA ALA B 156 3.89 24.30 -5.58
C ALA B 156 2.57 24.58 -6.32
N GLN B 157 2.16 25.85 -6.38
CA GLN B 157 0.91 26.19 -7.06
C GLN B 157 0.85 25.72 -8.52
N THR B 158 1.99 25.71 -9.20
CA THR B 158 2.03 25.26 -10.59
C THR B 158 2.69 23.88 -10.68
N ASP B 159 2.59 23.12 -9.59
CA ASP B 159 3.18 21.79 -9.53
C ASP B 159 2.28 20.74 -10.17
N ARG B 160 2.90 19.82 -10.90
CA ARG B 160 2.20 18.73 -11.55
C ARG B 160 2.56 17.47 -10.77
N THR B 161 1.70 17.08 -9.83
CA THR B 161 1.96 15.90 -9.00
C THR B 161 1.47 14.61 -9.66
N ARG B 162 2.20 13.51 -9.42
CA ARG B 162 1.89 12.21 -9.99
C ARG B 162 0.73 11.51 -9.30
N ALA B 163 -0.13 10.91 -10.10
CA ALA B 163 -1.20 10.11 -9.55
C ALA B 163 -0.60 8.74 -9.30
N ARG B 164 -0.69 8.22 -8.08
CA ARG B 164 -0.12 6.91 -7.83
C ARG B 164 -0.90 6.19 -6.74
N PRO B 165 -0.73 4.86 -6.64
CA PRO B 165 -1.46 4.12 -5.60
C PRO B 165 -1.10 4.73 -4.26
N MET B 166 -2.10 5.03 -3.45
CA MET B 166 -1.83 5.61 -2.15
C MET B 166 -2.86 5.26 -1.08
N GLY B 167 -2.41 4.53 -0.06
CA GLY B 167 -3.27 4.16 1.04
C GLY B 167 -3.39 5.32 2.02
N LEU B 168 -4.15 5.13 3.08
CA LEU B 168 -4.36 6.16 4.07
C LEU B 168 -3.04 6.65 4.71
N GLY B 169 -2.16 5.73 5.09
CA GLY B 169 -0.90 6.11 5.69
C GLY B 169 -0.02 6.93 4.75
N GLY B 170 0.11 6.50 3.50
CA GLY B 170 0.91 7.25 2.55
C GLY B 170 0.30 8.64 2.36
N TYR B 171 -1.01 8.72 2.14
CA TYR B 171 -1.68 10.02 1.95
C TYR B 171 -1.47 10.97 3.14
N LEU B 172 -1.60 10.46 4.37
CA LEU B 172 -1.41 11.30 5.56
C LEU B 172 0.05 11.71 5.75
N GLU B 173 0.98 10.81 5.43
CA GLU B 173 2.39 11.14 5.58
C GLU B 173 2.66 12.28 4.60
N TYR B 174 2.06 12.18 3.43
CA TYR B 174 2.23 13.22 2.41
C TYR B 174 1.64 14.58 2.86
N ARG B 175 0.47 14.57 3.50
CA ARG B 175 -0.14 15.82 3.96
C ARG B 175 0.64 16.45 5.11
N GLU B 176 1.38 15.63 5.86
CA GLU B 176 2.19 16.13 6.97
C GLU B 176 3.23 17.11 6.48
N ARG B 177 3.63 16.98 5.23
CA ARG B 177 4.64 17.86 4.64
C ARG B 177 4.03 18.92 3.72
N ASP B 178 2.72 19.08 3.77
CA ASP B 178 2.07 20.07 2.92
C ASP B 178 2.67 21.47 3.09
N VAL B 179 3.10 22.07 1.98
CA VAL B 179 3.71 23.39 2.02
C VAL B 179 2.69 24.49 2.33
N GLY B 180 1.43 24.24 2.01
CA GLY B 180 0.39 25.21 2.29
C GLY B 180 0.26 25.35 3.79
N LYS B 181 0.19 24.24 4.51
CA LYS B 181 0.08 24.30 5.96
C LYS B 181 1.36 24.86 6.57
N GLU B 182 2.50 24.64 5.91
CA GLU B 182 3.78 25.18 6.38
C GLU B 182 3.74 26.71 6.27
N LEU B 183 3.26 27.20 5.13
CA LEU B 183 3.19 28.64 4.93
C LEU B 183 2.31 29.25 6.03
N LEU B 184 1.19 28.59 6.33
CA LEU B 184 0.29 29.07 7.38
C LEU B 184 0.95 29.17 8.76
N ALA B 185 1.74 28.16 9.10
CA ALA B 185 2.41 28.12 10.40
C ALA B 185 3.50 29.17 10.47
N ALA B 186 4.19 29.41 9.36
CA ALA B 186 5.23 30.42 9.35
C ALA B 186 4.61 31.82 9.35
N LEU B 187 3.51 31.98 8.61
CA LEU B 187 2.85 33.27 8.56
C LEU B 187 2.27 33.59 9.92
N MET B 188 1.85 32.56 10.64
CA MET B 188 1.30 32.77 11.96
C MET B 188 2.38 33.27 12.89
N ARG B 189 3.58 32.71 12.76
CA ARG B 189 4.71 33.10 13.59
C ARG B 189 5.08 34.55 13.37
N PHE B 190 5.02 35.00 12.12
CA PHE B 190 5.33 36.38 11.76
C PHE B 190 4.27 37.31 12.34
N SER B 191 3.02 36.89 12.21
CA SER B 191 1.88 37.66 12.69
C SER B 191 1.87 37.83 14.20
N MET B 192 2.44 36.85 14.89
CA MET B 192 2.46 36.87 16.35
C MET B 192 3.78 37.40 16.92
N GLY B 193 4.71 37.75 16.04
CA GLY B 193 5.99 38.25 16.48
C GLY B 193 6.76 37.17 17.23
N LEU B 194 6.46 35.90 16.94
CA LEU B 194 7.12 34.81 17.62
C LEU B 194 8.43 34.33 16.96
N LYS B 195 9.56 34.89 17.36
CA LYS B 195 10.85 34.46 16.80
C LYS B 195 11.26 33.18 17.53
N LEU B 196 11.02 32.04 16.90
CA LEU B 196 11.35 30.76 17.48
C LEU B 196 12.71 30.29 17.00
N SER B 197 13.52 29.81 17.94
CA SER B 197 14.87 29.34 17.62
C SER B 197 14.84 28.00 16.90
N PRO B 198 15.97 27.58 16.33
CA PRO B 198 16.04 26.29 15.62
C PRO B 198 15.66 25.16 16.56
N SER B 199 16.17 25.24 17.78
CA SER B 199 15.92 24.22 18.79
C SER B 199 14.43 24.12 19.14
N GLU B 200 13.79 25.27 19.30
CA GLU B 200 12.38 25.31 19.66
C GLU B 200 11.52 24.68 18.56
N LEU B 201 11.79 25.03 17.31
CA LEU B 201 11.05 24.47 16.19
C LEU B 201 11.13 22.94 16.16
N GLN B 202 12.35 22.40 16.31
CA GLN B 202 12.56 20.96 16.30
C GLN B 202 11.71 20.29 17.37
N ARG B 203 11.57 20.97 18.50
CA ARG B 203 10.78 20.46 19.62
C ARG B 203 9.30 20.26 19.29
N VAL B 204 8.80 20.96 18.27
CA VAL B 204 7.38 20.80 17.96
C VAL B 204 7.06 20.22 16.60
N ARG B 205 8.00 19.44 16.05
CA ARG B 205 7.79 18.84 14.75
C ARG B 205 6.57 17.91 14.79
N GLU B 206 6.45 17.08 15.81
CA GLU B 206 5.32 16.17 15.91
C GLU B 206 4.02 16.96 15.97
N ILE B 207 4.02 18.02 16.77
CA ILE B 207 2.85 18.86 16.91
C ILE B 207 2.49 19.46 15.54
N ASP B 208 3.49 19.95 14.81
CA ASP B 208 3.26 20.54 13.48
C ASP B 208 2.69 19.51 12.51
N ALA B 209 3.30 18.34 12.44
CA ALA B 209 2.85 17.28 11.55
C ALA B 209 1.42 16.85 11.89
N ASN B 210 1.14 16.74 13.19
CA ASN B 210 -0.17 16.35 13.68
C ASN B 210 -1.23 17.40 13.26
N CYS B 211 -0.88 18.67 13.41
CA CYS B 211 -1.77 19.79 13.06
C CYS B 211 -2.02 19.83 11.55
N SER B 212 -0.94 19.65 10.78
CA SER B 212 -0.99 19.67 9.34
C SER B 212 -1.97 18.64 8.77
N LYS B 213 -2.04 17.48 9.41
CA LYS B 213 -2.96 16.43 8.97
C LYS B 213 -4.39 16.82 9.28
N HIS B 214 -4.58 17.43 10.44
CA HIS B 214 -5.91 17.85 10.88
C HIS B 214 -6.52 18.82 9.85
N LEU B 215 -5.80 19.90 9.57
CA LEU B 215 -6.25 20.91 8.63
C LEU B 215 -6.62 20.29 7.30
N SER B 216 -5.72 19.44 6.79
CA SER B 216 -5.89 18.76 5.52
C SER B 216 -7.13 17.90 5.46
N VAL B 217 -7.31 17.04 6.46
CA VAL B 217 -8.46 16.16 6.47
C VAL B 217 -9.79 16.92 6.57
N VAL B 218 -9.87 17.91 7.45
CA VAL B 218 -11.07 18.72 7.56
C VAL B 218 -11.38 19.34 6.18
N ASN B 219 -10.35 19.85 5.51
CA ASN B 219 -10.56 20.40 4.17
C ASN B 219 -11.15 19.30 3.27
N ASP B 220 -10.56 18.10 3.31
CA ASP B 220 -11.04 16.99 2.48
C ASP B 220 -12.48 16.66 2.75
N ILE B 221 -12.84 16.64 4.02
CA ILE B 221 -14.20 16.32 4.42
C ILE B 221 -15.21 17.26 3.73
N TYR B 222 -14.97 18.55 3.80
CA TYR B 222 -15.89 19.55 3.22
C TYR B 222 -15.70 19.91 1.75
N SER B 223 -14.63 19.43 1.13
CA SER B 223 -14.40 19.76 -0.27
C SER B 223 -14.69 18.58 -1.19
N TYR B 224 -14.95 17.41 -0.62
CA TYR B 224 -15.21 16.21 -1.41
C TYR B 224 -16.30 16.35 -2.47
N GLU B 225 -17.47 16.86 -2.07
CA GLU B 225 -18.59 17.02 -3.01
C GLU B 225 -18.13 17.80 -4.22
N LYS B 226 -17.44 18.90 -4.01
CA LYS B 226 -16.92 19.69 -5.12
C LYS B 226 -15.84 18.95 -5.90
N GLU B 227 -14.93 18.29 -5.20
CA GLU B 227 -13.85 17.54 -5.86
C GLU B 227 -14.45 16.50 -6.82
N LEU B 228 -15.54 15.92 -6.42
CA LEU B 228 -16.29 14.99 -7.25
C LEU B 228 -17.16 15.89 -8.12
N TYR B 229 -16.49 16.85 -8.77
CA TYR B 229 -17.13 17.85 -9.62
C TYR B 229 -18.44 17.37 -10.25
N ILE B 240 -8.01 13.88 -11.33
CA ILE B 240 -6.94 13.53 -10.40
C ILE B 240 -7.46 13.65 -8.97
N LEU B 241 -8.37 12.76 -8.57
CA LEU B 241 -8.94 12.79 -7.23
C LEU B 241 -8.01 12.16 -6.20
N CYS B 242 -7.44 12.99 -5.34
CA CYS B 242 -6.53 12.57 -4.29
C CYS B 242 -6.99 13.17 -2.97
N THR B 243 -7.79 12.40 -2.22
CA THR B 243 -8.35 12.87 -0.97
C THR B 243 -8.58 11.74 0.03
N SER B 244 -8.47 12.05 1.32
CA SER B 244 -8.67 11.04 2.36
C SER B 244 -10.06 10.41 2.38
N VAL B 245 -11.07 11.14 1.91
CA VAL B 245 -12.43 10.60 1.90
C VAL B 245 -12.57 9.40 0.96
N GLN B 246 -12.09 9.56 -0.26
CA GLN B 246 -12.12 8.49 -1.24
C GLN B 246 -11.24 7.31 -0.82
N ILE B 247 -10.02 7.60 -0.39
CA ILE B 247 -9.10 6.55 0.03
C ILE B 247 -9.67 5.68 1.18
N LEU B 248 -10.21 6.31 2.21
CA LEU B 248 -10.76 5.56 3.33
C LEU B 248 -12.02 4.82 2.93
N ALA B 249 -12.84 5.45 2.08
CA ALA B 249 -14.07 4.84 1.61
C ALA B 249 -13.72 3.54 0.89
N GLN B 250 -12.72 3.59 0.02
CA GLN B 250 -12.30 2.40 -0.71
C GLN B 250 -11.58 1.38 0.16
N GLU B 251 -10.75 1.84 1.09
CA GLU B 251 -10.05 0.88 1.93
C GLU B 251 -11.03 0.14 2.86
N ALA B 252 -12.01 0.85 3.41
CA ALA B 252 -12.99 0.25 4.34
C ALA B 252 -14.28 -0.23 3.66
N ASP B 253 -14.41 0.01 2.36
CA ASP B 253 -15.59 -0.40 1.60
C ASP B 253 -16.92 0.18 2.12
N VAL B 254 -16.94 1.48 2.34
CA VAL B 254 -18.14 2.16 2.80
C VAL B 254 -18.33 3.39 1.89
N THR B 255 -19.45 4.07 2.05
CA THR B 255 -19.76 5.25 1.24
C THR B 255 -18.86 6.42 1.63
N ALA B 256 -18.86 7.47 0.80
CA ALA B 256 -18.07 8.66 1.09
C ALA B 256 -18.54 9.28 2.41
N GLU B 257 -19.86 9.36 2.60
CA GLU B 257 -20.39 9.96 3.83
C GLU B 257 -19.96 9.21 5.10
N ALA B 258 -19.99 7.89 5.06
CA ALA B 258 -19.58 7.13 6.24
C ALA B 258 -18.10 7.47 6.48
N ALA B 259 -17.34 7.56 5.40
CA ALA B 259 -15.92 7.86 5.47
C ALA B 259 -15.69 9.23 6.12
N LYS B 260 -16.50 10.22 5.76
CA LYS B 260 -16.35 11.55 6.36
C LYS B 260 -16.54 11.46 7.86
N ARG B 261 -17.49 10.63 8.28
CA ARG B 261 -17.80 10.42 9.70
C ARG B 261 -16.61 9.79 10.43
N VAL B 262 -15.97 8.83 9.78
CA VAL B 262 -14.82 8.17 10.41
C VAL B 262 -13.65 9.14 10.45
N LEU B 263 -13.46 9.88 9.37
CA LEU B 263 -12.38 10.84 9.33
C LEU B 263 -12.56 11.94 10.39
N PHE B 264 -13.79 12.37 10.61
CA PHE B 264 -14.00 13.42 11.60
C PHE B 264 -13.60 12.95 13.00
N VAL B 265 -13.92 11.71 13.35
CA VAL B 265 -13.52 11.17 14.65
C VAL B 265 -11.98 11.09 14.70
N MET B 266 -11.35 10.73 13.58
CA MET B 266 -9.89 10.66 13.53
C MET B 266 -9.36 12.07 13.81
N CYS B 267 -10.02 13.08 13.27
CA CYS B 267 -9.58 14.46 13.53
C CYS B 267 -9.66 14.79 15.03
N ARG B 268 -10.67 14.29 15.72
CA ARG B 268 -10.75 14.56 17.15
C ARG B 268 -9.61 13.84 17.87
N GLU B 269 -9.25 12.66 17.39
CA GLU B 269 -8.16 11.92 17.99
C GLU B 269 -6.91 12.76 17.86
N TRP B 270 -6.79 13.47 16.75
CA TRP B 270 -5.63 14.32 16.54
C TRP B 270 -5.64 15.54 17.46
N GLU B 271 -6.82 16.06 17.78
CA GLU B 271 -6.90 17.23 18.68
C GLU B 271 -6.48 16.79 20.08
N LEU B 272 -6.88 15.58 20.48
CA LEU B 272 -6.52 15.06 21.78
C LEU B 272 -5.00 14.79 21.76
N ARG B 273 -4.47 14.33 20.63
CA ARG B 273 -3.03 14.08 20.53
C ARG B 273 -2.29 15.40 20.73
N HIS B 274 -2.82 16.46 20.12
CA HIS B 274 -2.23 17.78 20.25
C HIS B 274 -2.14 18.19 21.71
N GLN B 275 -3.22 18.02 22.45
CA GLN B 275 -3.21 18.37 23.86
C GLN B 275 -2.14 17.57 24.62
N LEU B 276 -2.00 16.30 24.25
CA LEU B 276 -1.03 15.42 24.88
C LEU B 276 0.40 15.81 24.55
N LEU B 277 0.66 16.09 23.28
CA LEU B 277 2.00 16.49 22.88
C LEU B 277 2.39 17.79 23.58
N VAL B 278 1.43 18.69 23.75
CA VAL B 278 1.71 19.96 24.42
C VAL B 278 1.94 19.74 25.92
N ALA B 279 1.08 18.95 26.56
CA ALA B 279 1.24 18.66 27.98
C ALA B 279 2.61 18.01 28.23
N ARG B 280 3.02 17.12 27.33
CA ARG B 280 4.33 16.46 27.45
C ARG B 280 5.46 17.47 27.38
N LEU B 281 5.40 18.31 26.35
CA LEU B 281 6.38 19.37 26.13
C LEU B 281 6.64 20.15 27.41
N SER B 282 5.54 20.56 28.05
CA SER B 282 5.59 21.33 29.29
C SER B 282 6.08 20.52 30.50
N ALA B 283 5.64 19.27 30.62
CA ALA B 283 6.07 18.45 31.75
C ALA B 283 7.58 18.22 31.68
N GLU B 284 8.12 18.16 30.48
CA GLU B 284 9.56 17.96 30.32
C GLU B 284 10.26 19.31 30.44
N GLY B 285 9.47 20.35 30.72
CA GLY B 285 10.01 21.68 30.89
C GLY B 285 10.55 22.30 29.62
N LEU B 286 10.15 21.77 28.47
CA LEU B 286 10.64 22.30 27.22
C LEU B 286 9.69 23.32 26.57
N GLU B 287 8.69 23.76 27.33
CA GLU B 287 7.74 24.73 26.82
C GLU B 287 8.12 26.16 27.21
N THR B 288 8.66 26.89 26.24
CA THR B 288 9.05 28.27 26.46
C THR B 288 7.80 29.14 26.27
N PRO B 289 7.89 30.44 26.58
CA PRO B 289 6.70 31.28 26.40
C PRO B 289 6.34 31.36 24.93
N GLY B 290 7.37 31.37 24.08
CA GLY B 290 7.16 31.43 22.65
C GLY B 290 6.42 30.21 22.14
N LEU B 291 6.86 29.04 22.56
CA LEU B 291 6.23 27.80 22.14
C LEU B 291 4.81 27.70 22.67
N ALA B 292 4.57 28.25 23.85
CA ALA B 292 3.23 28.18 24.42
C ALA B 292 2.27 28.95 23.51
N ALA B 293 2.68 30.15 23.11
CA ALA B 293 1.85 30.97 22.24
C ALA B 293 1.64 30.22 20.93
N TYR B 294 2.72 29.62 20.44
CA TYR B 294 2.69 28.89 19.19
C TYR B 294 1.71 27.72 19.14
N VAL B 295 1.82 26.78 20.08
CA VAL B 295 0.93 25.62 20.04
C VAL B 295 -0.52 26.04 20.17
N GLU B 296 -0.77 27.10 20.94
CA GLU B 296 -2.13 27.64 21.11
C GLU B 296 -2.55 28.22 19.75
N GLY B 297 -1.64 28.94 19.11
CA GLY B 297 -1.95 29.47 17.80
C GLY B 297 -2.38 28.35 16.87
N LEU B 298 -1.67 27.22 16.90
CA LEU B 298 -2.02 26.10 16.03
C LEU B 298 -3.42 25.56 16.33
N GLU B 299 -3.76 25.47 17.62
CA GLU B 299 -5.08 24.99 18.00
C GLU B 299 -6.17 25.86 17.32
N TYR B 300 -5.98 27.17 17.31
CA TYR B 300 -6.98 28.04 16.68
C TYR B 300 -6.93 27.90 15.18
N GLN B 301 -5.77 27.52 14.64
CA GLN B 301 -5.69 27.29 13.20
C GLN B 301 -6.58 26.09 12.87
N MET B 302 -6.58 25.09 13.76
CA MET B 302 -7.40 23.91 13.53
C MET B 302 -8.89 24.21 13.65
N SER B 303 -9.30 24.90 14.71
CA SER B 303 -10.73 25.23 14.88
C SER B 303 -11.18 26.22 13.78
N GLY B 304 -10.29 27.14 13.44
CA GLY B 304 -10.58 28.14 12.42
C GLY B 304 -10.79 27.53 11.05
N ASN B 305 -9.89 26.62 10.68
CA ASN B 305 -9.94 25.92 9.39
C ASN B 305 -11.23 25.11 9.29
N GLU B 306 -11.66 24.52 10.40
CA GLU B 306 -12.87 23.73 10.40
C GLU B 306 -14.08 24.62 10.12
N LEU B 307 -14.19 25.73 10.85
CA LEU B 307 -15.29 26.66 10.64
C LEU B 307 -15.24 27.18 9.21
N TRP B 308 -14.06 27.60 8.75
CA TRP B 308 -13.92 28.10 7.39
C TRP B 308 -14.36 27.08 6.35
N SER B 309 -13.98 25.82 6.55
CA SER B 309 -14.32 24.73 5.63
C SER B 309 -15.82 24.51 5.52
N GLN B 310 -16.50 24.66 6.66
CA GLN B 310 -17.94 24.47 6.74
C GLN B 310 -18.72 25.58 6.08
N THR B 311 -18.08 26.73 5.89
CA THR B 311 -18.77 27.89 5.34
C THR B 311 -18.24 28.42 4.01
N THR B 312 -16.95 28.23 3.73
CA THR B 312 -16.38 28.77 2.50
C THR B 312 -17.14 28.43 1.22
N LEU B 313 -17.35 29.45 0.40
CA LEU B 313 -18.06 29.30 -0.87
C LEU B 313 -17.20 28.52 -1.86
N ARG B 314 -15.90 28.49 -1.60
CA ARG B 314 -14.93 27.79 -2.43
C ARG B 314 -15.20 26.28 -2.49
N TYR B 315 -15.95 25.75 -1.52
CA TYR B 315 -16.28 24.34 -1.52
C TYR B 315 -17.75 24.10 -1.92
N SER B 316 -18.43 25.13 -2.40
CA SER B 316 -19.84 25.00 -2.79
C SER B 316 -20.12 23.97 -3.87
N VAL B 317 -19.93 24.38 -5.12
CA VAL B 317 -20.15 23.53 -6.31
C VAL B 317 -20.23 24.44 -7.56
N SER C 13 -13.37 3.41 30.34
CA SER C 13 -12.43 2.41 29.77
C SER C 13 -12.95 1.89 28.42
N LEU C 14 -12.74 2.68 27.37
CA LEU C 14 -13.19 2.35 26.02
C LEU C 14 -14.71 2.16 26.02
N GLU C 15 -15.43 3.22 25.67
CA GLU C 15 -16.88 3.18 25.62
C GLU C 15 -17.33 2.91 24.19
N PRO C 16 -17.82 1.69 23.92
CA PRO C 16 -18.27 1.37 22.56
C PRO C 16 -19.31 2.39 22.11
N PRO C 17 -19.28 2.79 20.83
CA PRO C 17 -20.27 3.76 20.35
C PRO C 17 -21.61 3.06 20.22
N PRO C 18 -22.70 3.84 20.20
CA PRO C 18 -24.07 3.35 20.07
C PRO C 18 -24.25 2.34 18.94
N SER C 19 -25.13 1.37 19.14
CA SER C 19 -25.38 0.35 18.14
C SER C 19 -26.84 -0.04 18.06
N THR C 20 -27.32 -0.27 16.85
CA THR C 20 -28.69 -0.70 16.64
C THR C 20 -28.79 -2.23 16.66
N PHE C 21 -27.65 -2.89 16.82
CA PHE C 21 -27.61 -4.36 16.87
C PHE C 21 -27.70 -4.79 18.31
N GLN C 22 -28.66 -5.67 18.60
CA GLN C 22 -28.87 -6.18 19.96
C GLN C 22 -28.54 -7.65 19.95
N PRO C 23 -27.56 -8.07 20.74
CA PRO C 23 -27.25 -9.50 20.73
C PRO C 23 -28.29 -10.29 21.49
N LEU C 24 -28.37 -11.58 21.15
CA LEU C 24 -29.29 -12.50 21.78
C LEU C 24 -28.52 -13.72 22.28
N CYS C 25 -29.18 -14.48 23.15
CA CYS C 25 -28.58 -15.66 23.71
C CYS C 25 -29.55 -16.82 23.50
N HIS C 26 -29.05 -17.93 23.01
CA HIS C 26 -29.91 -19.07 22.78
C HIS C 26 -30.51 -19.54 24.12
N PRO C 27 -31.84 -19.69 24.19
CA PRO C 27 -32.62 -20.11 25.36
C PRO C 27 -32.09 -21.33 26.11
N LEU C 28 -31.58 -22.29 25.35
CA LEU C 28 -31.04 -23.52 25.91
C LEU C 28 -29.60 -23.45 26.40
N VAL C 29 -29.03 -22.25 26.48
CA VAL C 29 -27.63 -22.11 26.88
C VAL C 29 -27.30 -22.92 28.13
N GLU C 30 -28.08 -22.78 29.19
CA GLU C 30 -27.82 -23.54 30.41
C GLU C 30 -27.95 -25.04 30.19
N GLU C 31 -28.89 -25.43 29.34
CA GLU C 31 -29.15 -26.85 29.06
C GLU C 31 -27.98 -27.55 28.34
N VAL C 32 -27.57 -27.00 27.20
CA VAL C 32 -26.48 -27.55 26.42
C VAL C 32 -25.15 -27.39 27.16
N SER C 33 -24.98 -26.23 27.77
CA SER C 33 -23.76 -25.94 28.53
C SER C 33 -23.46 -27.10 29.47
N LYS C 34 -24.48 -27.59 30.18
CA LYS C 34 -24.33 -28.71 31.11
C LYS C 34 -24.04 -30.04 30.39
N GLU C 35 -24.81 -30.30 29.34
CA GLU C 35 -24.67 -31.52 28.55
C GLU C 35 -23.25 -31.62 27.96
N VAL C 36 -22.87 -30.60 27.19
CA VAL C 36 -21.58 -30.56 26.53
C VAL C 36 -20.36 -30.42 27.44
N ASP C 37 -20.47 -29.63 28.49
CA ASP C 37 -19.37 -29.50 29.42
C ASP C 37 -19.21 -30.83 30.18
N GLY C 38 -20.34 -31.46 30.51
CA GLY C 38 -20.31 -32.73 31.22
C GLY C 38 -19.58 -33.77 30.42
N TYR C 39 -19.92 -33.84 29.13
CA TYR C 39 -19.30 -34.78 28.23
C TYR C 39 -17.77 -34.64 28.25
N PHE C 40 -17.28 -33.45 27.92
CA PHE C 40 -15.86 -33.18 27.86
C PHE C 40 -15.13 -33.37 29.19
N LEU C 41 -15.72 -32.92 30.30
CA LEU C 41 -15.08 -33.12 31.60
C LEU C 41 -14.90 -34.62 31.83
N GLN C 42 -15.72 -35.41 31.14
CA GLN C 42 -15.66 -36.86 31.29
C GLN C 42 -14.70 -37.58 30.34
N HIS C 43 -14.50 -37.04 29.13
CA HIS C 43 -13.63 -37.69 28.15
C HIS C 43 -12.29 -37.01 27.85
N TRP C 44 -12.28 -35.68 27.80
CA TRP C 44 -11.06 -34.93 27.54
C TRP C 44 -10.18 -35.10 28.77
N ASN C 45 -8.90 -35.38 28.56
CA ASN C 45 -8.01 -35.59 29.70
C ASN C 45 -7.46 -34.28 30.28
N PHE C 46 -8.28 -33.56 31.03
CA PHE C 46 -7.82 -32.32 31.64
C PHE C 46 -6.75 -32.66 32.66
N PRO C 47 -5.63 -31.94 32.62
CA PRO C 47 -4.50 -32.13 33.52
C PRO C 47 -4.89 -32.15 34.99
N ASN C 48 -5.78 -31.24 35.37
CA ASN C 48 -6.18 -31.13 36.76
C ASN C 48 -7.45 -30.32 36.98
N GLU C 49 -7.85 -30.20 38.25
CA GLU C 49 -9.03 -29.44 38.61
C GLU C 49 -8.89 -27.99 38.21
N LYS C 50 -7.69 -27.44 38.39
CA LYS C 50 -7.42 -26.06 38.03
C LYS C 50 -7.76 -25.88 36.55
N ALA C 51 -7.47 -26.91 35.76
CA ALA C 51 -7.76 -26.88 34.34
C ALA C 51 -9.24 -27.18 34.12
N ARG C 52 -9.81 -28.03 34.96
CA ARG C 52 -11.22 -28.39 34.86
C ARG C 52 -12.11 -27.18 35.06
N LYS C 53 -11.85 -26.42 36.13
CA LYS C 53 -12.63 -25.24 36.47
C LYS C 53 -12.44 -24.12 35.45
N LYS C 54 -11.22 -23.96 34.96
CA LYS C 54 -10.96 -22.95 33.95
C LYS C 54 -11.78 -23.28 32.71
N PHE C 55 -11.78 -24.56 32.32
CA PHE C 55 -12.54 -25.01 31.16
C PHE C 55 -14.02 -24.67 31.28
N VAL C 56 -14.60 -25.02 32.42
CA VAL C 56 -16.01 -24.75 32.67
C VAL C 56 -16.21 -23.23 32.62
N ALA C 57 -15.42 -22.54 33.44
CA ALA C 57 -15.48 -21.09 33.54
C ALA C 57 -15.37 -20.44 32.17
N ALA C 58 -14.74 -21.13 31.23
CA ALA C 58 -14.58 -20.60 29.88
C ALA C 58 -15.87 -20.79 29.11
N GLY C 59 -16.72 -21.70 29.59
CA GLY C 59 -17.99 -21.98 28.94
C GLY C 59 -18.01 -21.77 27.43
N PHE C 60 -17.38 -22.67 26.68
CA PHE C 60 -17.35 -22.55 25.23
C PHE C 60 -18.74 -22.68 24.59
N SER C 61 -19.65 -23.34 25.29
CA SER C 61 -21.01 -23.52 24.77
C SER C 61 -21.78 -22.22 24.86
N ARG C 62 -21.47 -21.42 25.89
CA ARG C 62 -22.15 -20.15 26.07
C ARG C 62 -21.74 -19.21 24.96
N VAL C 63 -20.53 -19.39 24.44
CA VAL C 63 -20.03 -18.57 23.35
C VAL C 63 -20.81 -18.94 22.11
N THR C 64 -20.99 -20.24 21.92
CA THR C 64 -21.71 -20.74 20.77
C THR C 64 -23.15 -20.24 20.76
N CYS C 65 -23.79 -20.27 21.92
CA CYS C 65 -25.18 -19.84 22.02
C CYS C 65 -25.34 -18.34 21.80
N LEU C 66 -24.27 -17.58 22.00
CA LEU C 66 -24.27 -16.12 21.80
C LEU C 66 -24.13 -15.82 20.31
N TYR C 67 -23.34 -16.64 19.61
CA TYR C 67 -23.14 -16.45 18.18
C TYR C 67 -24.29 -17.02 17.38
N PHE C 68 -24.87 -18.10 17.89
CA PHE C 68 -25.98 -18.75 17.18
C PHE C 68 -27.24 -18.80 18.03
N PRO C 69 -27.80 -17.63 18.38
CA PRO C 69 -29.01 -17.66 19.20
C PRO C 69 -30.23 -18.24 18.47
N LYS C 70 -30.22 -18.20 17.15
CA LYS C 70 -31.34 -18.72 16.35
C LYS C 70 -31.18 -20.17 15.93
N ALA C 71 -30.16 -20.84 16.45
CA ALA C 71 -29.92 -22.25 16.14
C ALA C 71 -31.13 -23.10 16.57
N LEU C 72 -31.38 -24.21 15.85
CA LEU C 72 -32.48 -25.10 16.18
C LEU C 72 -32.15 -25.81 17.48
N ASP C 73 -33.15 -25.93 18.35
CA ASP C 73 -32.98 -26.56 19.65
C ASP C 73 -32.21 -27.87 19.65
N ASP C 74 -32.47 -28.72 18.67
CA ASP C 74 -31.80 -30.02 18.63
C ASP C 74 -30.48 -30.05 17.85
N ARG C 75 -29.93 -28.88 17.50
CA ARG C 75 -28.67 -28.86 16.76
C ARG C 75 -27.61 -28.06 17.46
N ILE C 76 -28.05 -27.15 18.31
CA ILE C 76 -27.15 -26.27 19.03
C ILE C 76 -26.08 -27.03 19.81
N HIS C 77 -26.37 -28.25 20.25
CA HIS C 77 -25.36 -29.01 20.99
C HIS C 77 -24.22 -29.44 20.07
N PHE C 78 -24.53 -29.64 18.79
CA PHE C 78 -23.52 -30.02 17.80
C PHE C 78 -22.51 -28.89 17.69
N ALA C 79 -23.02 -27.68 17.47
CA ALA C 79 -22.18 -26.49 17.34
C ALA C 79 -21.30 -26.32 18.57
N CYS C 80 -21.89 -26.51 19.74
CA CYS C 80 -21.13 -26.37 20.97
C CYS C 80 -19.99 -27.37 21.03
N ARG C 81 -20.26 -28.61 20.66
CA ARG C 81 -19.26 -29.68 20.69
C ARG C 81 -18.16 -29.37 19.69
N LEU C 82 -18.57 -29.10 18.46
CA LEU C 82 -17.65 -28.75 17.40
C LEU C 82 -16.76 -27.61 17.91
N LEU C 83 -17.36 -26.46 18.18
CA LEU C 83 -16.55 -25.35 18.64
C LEU C 83 -15.74 -25.63 19.90
N THR C 84 -16.27 -26.42 20.82
CA THR C 84 -15.52 -26.69 22.05
C THR C 84 -14.25 -27.48 21.75
N VAL C 85 -14.31 -28.45 20.85
CA VAL C 85 -13.12 -29.22 20.52
C VAL C 85 -12.14 -28.36 19.74
N LEU C 86 -12.64 -27.49 18.87
CA LEU C 86 -11.76 -26.61 18.12
C LEU C 86 -11.05 -25.61 19.02
N PHE C 87 -11.71 -25.23 20.11
CA PHE C 87 -11.09 -24.31 21.05
C PHE C 87 -10.07 -25.06 21.90
N LEU C 88 -10.37 -26.33 22.21
CA LEU C 88 -9.46 -27.14 23.01
C LEU C 88 -8.20 -27.50 22.22
N ILE C 89 -8.38 -27.75 20.93
CA ILE C 89 -7.31 -28.09 20.02
C ILE C 89 -6.44 -26.86 19.86
N ASP C 90 -7.10 -25.78 19.41
CA ASP C 90 -6.49 -24.49 19.19
C ASP C 90 -5.58 -24.18 20.37
N ASP C 91 -6.05 -24.50 21.57
CA ASP C 91 -5.26 -24.28 22.77
C ASP C 91 -3.99 -25.11 22.78
N LEU C 92 -4.09 -26.38 22.40
CA LEU C 92 -2.92 -27.25 22.40
C LEU C 92 -1.89 -26.91 21.34
N LEU C 93 -2.37 -26.46 20.18
CA LEU C 93 -1.48 -26.10 19.06
C LEU C 93 -0.44 -25.03 19.38
N GLU C 94 -0.70 -24.20 20.39
CA GLU C 94 0.27 -23.17 20.74
C GLU C 94 1.41 -23.73 21.57
N TYR C 95 1.36 -25.04 21.84
CA TYR C 95 2.39 -25.73 22.61
C TYR C 95 3.10 -26.71 21.67
N MET C 96 3.10 -26.39 20.39
CA MET C 96 3.71 -27.25 19.40
C MET C 96 4.33 -26.46 18.24
N SER C 97 4.97 -27.19 17.33
CA SER C 97 5.60 -26.59 16.15
C SER C 97 4.59 -26.66 15.01
N PHE C 98 4.75 -25.80 14.03
CA PHE C 98 3.86 -25.79 12.88
C PHE C 98 3.80 -27.16 12.20
N GLU C 99 4.86 -27.94 12.37
CA GLU C 99 4.92 -29.27 11.77
C GLU C 99 4.19 -30.27 12.65
N GLU C 100 4.54 -30.29 13.95
CA GLU C 100 3.82 -31.15 14.89
C GLU C 100 2.35 -30.79 14.72
N GLY C 101 2.06 -29.52 14.97
CA GLY C 101 0.71 -28.98 14.87
C GLY C 101 -0.04 -29.54 13.66
N SER C 102 0.50 -29.33 12.47
CA SER C 102 -0.14 -29.79 11.25
C SER C 102 -0.32 -31.31 11.27
N ALA C 103 0.61 -32.02 11.91
CA ALA C 103 0.53 -33.47 11.99
C ALA C 103 -0.62 -33.87 12.88
N TYR C 104 -0.69 -33.24 14.05
CA TYR C 104 -1.74 -33.51 15.02
C TYR C 104 -3.11 -33.34 14.36
N ASN C 105 -3.28 -32.26 13.62
CA ASN C 105 -4.56 -31.97 12.96
C ASN C 105 -4.83 -32.87 11.77
N GLU C 106 -3.86 -32.96 10.87
CA GLU C 106 -4.02 -33.77 9.68
C GLU C 106 -4.47 -35.19 10.03
N LYS C 107 -4.05 -35.66 11.19
CA LYS C 107 -4.40 -37.01 11.66
C LYS C 107 -5.88 -37.08 12.01
N LEU C 108 -6.43 -35.95 12.46
CA LEU C 108 -7.84 -35.87 12.84
C LEU C 108 -8.81 -35.64 11.69
N ILE C 109 -8.30 -35.30 10.51
CA ILE C 109 -9.19 -35.07 9.38
C ILE C 109 -9.81 -36.34 8.84
N PRO C 110 -9.00 -37.41 8.67
CA PRO C 110 -9.57 -38.66 8.15
C PRO C 110 -10.63 -39.18 9.12
N ILE C 111 -10.34 -39.06 10.42
CA ILE C 111 -11.24 -39.50 11.47
C ILE C 111 -12.56 -38.72 11.41
N SER C 112 -12.50 -37.42 11.10
CA SER C 112 -13.71 -36.59 11.00
C SER C 112 -14.58 -37.11 9.85
N ARG C 113 -13.92 -37.54 8.78
CA ARG C 113 -14.59 -38.06 7.61
C ARG C 113 -15.23 -39.42 7.87
N GLY C 114 -14.70 -40.14 8.86
CA GLY C 114 -15.20 -41.47 9.20
C GLY C 114 -14.36 -42.59 8.63
N ASP C 115 -13.57 -42.26 7.62
CA ASP C 115 -12.70 -43.20 6.93
C ASP C 115 -11.69 -43.88 7.85
N VAL C 116 -11.37 -43.24 8.97
CA VAL C 116 -10.40 -43.80 9.91
C VAL C 116 -10.98 -43.87 11.31
N LEU C 117 -11.13 -45.09 11.88
CA LEU C 117 -11.67 -45.35 13.23
C LEU C 117 -10.80 -44.84 14.38
N PRO C 118 -11.43 -44.39 15.48
CA PRO C 118 -10.66 -43.87 16.66
C PRO C 118 -9.68 -44.81 17.39
N ASP C 119 -8.64 -44.27 17.99
CA ASP C 119 -7.90 -45.13 18.89
C ASP C 119 -8.53 -44.74 20.23
N ARG C 120 -9.53 -45.48 20.66
CA ARG C 120 -10.23 -45.13 21.88
C ARG C 120 -9.31 -44.88 23.08
N SER C 121 -8.00 -44.84 22.82
CA SER C 121 -7.02 -44.58 23.86
C SER C 121 -6.68 -43.08 23.89
N ILE C 122 -7.02 -42.40 22.79
CA ILE C 122 -6.78 -40.98 22.62
C ILE C 122 -8.15 -40.28 22.54
N PRO C 123 -8.56 -39.63 23.64
CA PRO C 123 -9.85 -38.93 23.68
C PRO C 123 -10.14 -38.07 22.46
N VAL C 124 -9.27 -37.12 22.15
CA VAL C 124 -9.49 -36.24 21.01
C VAL C 124 -9.86 -37.00 19.75
N GLU C 125 -9.23 -38.15 19.53
CA GLU C 125 -9.50 -38.96 18.35
C GLU C 125 -10.93 -39.47 18.30
N TYR C 126 -11.38 -40.13 19.37
CA TYR C 126 -12.73 -40.67 19.34
C TYR C 126 -13.81 -39.63 19.65
N ILE C 127 -13.39 -38.49 20.19
CA ILE C 127 -14.36 -37.42 20.45
C ILE C 127 -14.66 -36.80 19.08
N ILE C 128 -13.65 -36.69 18.23
CA ILE C 128 -13.83 -36.14 16.89
C ILE C 128 -14.64 -37.08 16.03
N TYR C 129 -14.30 -38.37 16.13
CA TYR C 129 -14.96 -39.40 15.37
C TYR C 129 -16.44 -39.49 15.75
N ASP C 130 -16.71 -39.71 17.04
CA ASP C 130 -18.09 -39.84 17.52
C ASP C 130 -18.95 -38.62 17.19
N LEU C 131 -18.42 -37.42 17.39
CA LEU C 131 -19.20 -36.21 17.10
C LEU C 131 -19.60 -36.17 15.63
N TRP C 132 -18.63 -36.32 14.74
CA TRP C 132 -18.95 -36.29 13.32
C TRP C 132 -19.91 -37.40 12.89
N GLU C 133 -19.71 -38.61 13.42
CA GLU C 133 -20.61 -39.70 13.09
C GLU C 133 -22.03 -39.35 13.55
N SER C 134 -22.14 -38.66 14.68
CA SER C 134 -23.43 -38.27 15.24
C SER C 134 -24.13 -37.19 14.42
N MET C 135 -23.35 -36.29 13.83
CA MET C 135 -23.91 -35.22 13.01
C MET C 135 -24.50 -35.76 11.72
N ARG C 136 -23.91 -36.82 11.19
CA ARG C 136 -24.42 -37.43 9.96
C ARG C 136 -25.72 -38.16 10.25
N ALA C 137 -25.77 -38.83 11.40
CA ALA C 137 -26.98 -39.55 11.78
C ALA C 137 -28.18 -38.59 11.70
N HIS C 138 -28.02 -37.38 12.24
CA HIS C 138 -29.09 -36.38 12.25
C HIS C 138 -29.41 -35.82 10.85
N ASP C 139 -28.41 -35.26 10.17
CA ASP C 139 -28.58 -34.72 8.83
C ASP C 139 -27.28 -34.95 8.07
N ARG C 140 -27.15 -36.14 7.49
CA ARG C 140 -25.97 -36.53 6.74
C ARG C 140 -25.48 -35.49 5.73
N GLU C 141 -26.38 -35.08 4.85
CA GLU C 141 -26.06 -34.10 3.80
C GLU C 141 -25.42 -32.81 4.31
N MET C 142 -26.09 -32.13 5.22
CA MET C 142 -25.56 -30.89 5.75
C MET C 142 -24.30 -31.11 6.59
N ALA C 143 -24.23 -32.21 7.32
CA ALA C 143 -23.05 -32.51 8.13
C ALA C 143 -21.84 -32.66 7.20
N ASP C 144 -22.12 -32.99 5.94
CA ASP C 144 -21.08 -33.16 4.92
C ASP C 144 -20.63 -31.81 4.33
N GLU C 145 -21.57 -30.88 4.25
CA GLU C 145 -21.32 -29.55 3.69
C GLU C 145 -20.34 -28.72 4.53
N ILE C 146 -20.35 -28.89 5.85
CA ILE C 146 -19.45 -28.11 6.69
C ILE C 146 -18.09 -28.79 6.91
N LEU C 147 -17.89 -29.97 6.33
CA LEU C 147 -16.61 -30.66 6.46
C LEU C 147 -15.49 -29.79 5.89
N GLU C 148 -15.67 -29.32 4.64
CA GLU C 148 -14.65 -28.50 4.00
C GLU C 148 -14.33 -27.31 4.89
N PRO C 149 -15.35 -26.48 5.20
CA PRO C 149 -15.08 -25.33 6.06
C PRO C 149 -14.31 -25.72 7.32
N VAL C 150 -14.66 -26.85 7.94
CA VAL C 150 -13.96 -27.28 9.14
C VAL C 150 -12.48 -27.60 8.88
N PHE C 151 -12.19 -28.29 7.78
CA PHE C 151 -10.80 -28.64 7.43
C PHE C 151 -10.03 -27.40 6.96
N LEU C 152 -10.67 -26.58 6.14
CA LEU C 152 -10.06 -25.37 5.63
C LEU C 152 -9.58 -24.56 6.84
N PHE C 153 -10.36 -24.60 7.91
CA PHE C 153 -10.04 -23.89 9.13
C PHE C 153 -8.90 -24.56 9.89
N MET C 154 -8.86 -25.89 9.85
CA MET C 154 -7.80 -26.61 10.54
C MET C 154 -6.54 -26.55 9.68
N ARG C 155 -6.72 -26.56 8.37
CA ARG C 155 -5.60 -26.46 7.44
C ARG C 155 -5.26 -24.98 7.29
N ALA C 156 -5.29 -24.26 8.40
CA ALA C 156 -4.98 -22.84 8.39
C ALA C 156 -4.37 -22.39 9.71
N GLN C 157 -4.72 -23.06 10.80
CA GLN C 157 -4.16 -22.70 12.10
C GLN C 157 -2.77 -23.31 12.23
N THR C 158 -2.27 -23.80 11.09
CA THR C 158 -0.95 -24.41 11.01
C THR C 158 -0.11 -23.77 9.90
N ASP C 159 -0.79 -23.29 8.86
CA ASP C 159 -0.14 -22.66 7.72
C ASP C 159 0.71 -21.45 8.10
N ARG C 160 1.81 -21.28 7.38
CA ARG C 160 2.73 -20.19 7.64
C ARG C 160 2.25 -18.89 7.02
N THR C 161 2.54 -17.80 7.71
CA THR C 161 2.15 -16.46 7.28
C THR C 161 3.14 -15.89 6.25
N ARG C 162 2.68 -15.76 5.01
CA ARG C 162 3.51 -15.23 3.92
C ARG C 162 3.70 -13.72 4.10
N ALA C 163 4.67 -13.36 4.94
CA ALA C 163 5.02 -11.98 5.27
C ALA C 163 4.28 -10.90 4.46
N ARG C 164 5.02 -10.20 3.59
CA ARG C 164 4.47 -9.15 2.74
C ARG C 164 3.87 -7.95 3.48
N PRO C 165 4.17 -6.75 2.94
CA PRO C 165 3.65 -5.49 3.50
C PRO C 165 2.10 -5.49 3.57
N MET C 166 1.50 -4.71 4.45
CA MET C 166 0.05 -4.66 4.51
C MET C 166 -0.52 -3.38 5.12
N GLY C 167 -1.30 -2.68 4.31
CA GLY C 167 -1.93 -1.46 4.77
C GLY C 167 -3.34 -1.80 5.24
N LEU C 168 -4.07 -0.82 5.76
CA LEU C 168 -5.43 -1.04 6.26
C LEU C 168 -6.30 -1.69 5.19
N GLY C 169 -6.29 -1.09 4.00
CA GLY C 169 -7.09 -1.62 2.91
C GLY C 169 -6.83 -3.09 2.68
N GLY C 170 -5.57 -3.44 2.48
CA GLY C 170 -5.24 -4.85 2.26
C GLY C 170 -5.58 -5.74 3.44
N TYR C 171 -5.37 -5.25 4.64
CA TYR C 171 -5.69 -6.06 5.82
C TYR C 171 -7.19 -6.32 5.95
N LEU C 172 -7.99 -5.30 5.69
CA LEU C 172 -9.44 -5.47 5.77
C LEU C 172 -9.92 -6.46 4.71
N GLU C 173 -9.40 -6.32 3.49
CA GLU C 173 -9.78 -7.19 2.39
C GLU C 173 -9.46 -8.63 2.76
N TYR C 174 -8.25 -8.85 3.24
CA TYR C 174 -7.84 -10.17 3.62
C TYR C 174 -8.76 -10.75 4.72
N ARG C 175 -9.25 -9.89 5.62
CA ARG C 175 -10.15 -10.36 6.70
C ARG C 175 -11.56 -10.67 6.19
N GLU C 176 -11.94 -10.06 5.08
CA GLU C 176 -13.25 -10.29 4.47
C GLU C 176 -13.38 -11.74 4.06
N ARG C 177 -12.25 -12.43 3.97
CA ARG C 177 -12.21 -13.81 3.53
C ARG C 177 -11.74 -14.74 4.64
N ASP C 178 -11.63 -14.21 5.86
CA ASP C 178 -11.16 -15.02 6.97
C ASP C 178 -11.84 -16.39 6.95
N VAL C 179 -11.06 -17.46 7.03
CA VAL C 179 -11.65 -18.79 6.99
C VAL C 179 -12.33 -19.14 8.32
N GLY C 180 -11.97 -18.44 9.37
CA GLY C 180 -12.60 -18.69 10.65
C GLY C 180 -14.03 -18.17 10.59
N LYS C 181 -14.22 -17.00 10.00
CA LYS C 181 -15.54 -16.43 9.88
C LYS C 181 -16.41 -17.28 8.96
N GLU C 182 -15.82 -17.84 7.91
CA GLU C 182 -16.57 -18.68 6.99
C GLU C 182 -17.06 -19.95 7.70
N LEU C 183 -16.21 -20.54 8.54
CA LEU C 183 -16.60 -21.72 9.28
C LEU C 183 -17.77 -21.36 10.22
N LEU C 184 -17.72 -20.18 10.80
CA LEU C 184 -18.78 -19.69 11.70
C LEU C 184 -20.10 -19.55 10.96
N ALA C 185 -20.06 -18.96 9.77
CA ALA C 185 -21.26 -18.77 8.96
C ALA C 185 -21.78 -20.10 8.43
N ALA C 186 -20.89 -21.05 8.18
CA ALA C 186 -21.30 -22.35 7.68
C ALA C 186 -21.87 -23.16 8.83
N LEU C 187 -21.27 -23.01 10.00
CA LEU C 187 -21.74 -23.72 11.18
C LEU C 187 -23.09 -23.19 11.60
N MET C 188 -23.34 -21.93 11.26
CA MET C 188 -24.60 -21.28 11.60
C MET C 188 -25.75 -21.86 10.80
N ARG C 189 -25.53 -22.08 9.51
CA ARG C 189 -26.56 -22.62 8.63
C ARG C 189 -26.92 -24.04 9.09
N PHE C 190 -25.92 -24.90 9.23
CA PHE C 190 -26.17 -26.26 9.69
C PHE C 190 -26.99 -26.22 10.99
N SER C 191 -26.63 -25.32 11.89
CA SER C 191 -27.29 -25.17 13.19
C SER C 191 -28.73 -24.67 13.09
N MET C 192 -29.02 -23.85 12.08
CA MET C 192 -30.36 -23.30 11.87
C MET C 192 -31.09 -24.09 10.80
N GLY C 193 -30.56 -25.26 10.46
CA GLY C 193 -31.20 -26.07 9.43
C GLY C 193 -31.42 -25.33 8.13
N LEU C 194 -30.58 -24.34 7.85
CA LEU C 194 -30.70 -23.56 6.62
C LEU C 194 -30.00 -24.26 5.47
N LYS C 195 -30.69 -24.38 4.35
CA LYS C 195 -30.12 -25.03 3.18
C LYS C 195 -30.23 -24.07 2.01
N LEU C 196 -29.15 -23.33 1.77
CA LEU C 196 -29.11 -22.37 0.67
C LEU C 196 -28.50 -22.95 -0.60
N SER C 197 -29.00 -22.50 -1.74
CA SER C 197 -28.51 -22.96 -3.04
C SER C 197 -27.12 -22.36 -3.33
N PRO C 198 -26.46 -22.84 -4.40
CA PRO C 198 -25.14 -22.27 -4.68
C PRO C 198 -25.31 -20.80 -5.08
N SER C 199 -26.46 -20.52 -5.69
CA SER C 199 -26.79 -19.18 -6.16
C SER C 199 -27.19 -18.26 -5.03
N GLU C 200 -27.89 -18.81 -4.04
CA GLU C 200 -28.34 -18.02 -2.90
C GLU C 200 -27.18 -17.36 -2.16
N LEU C 201 -26.19 -18.16 -1.77
CA LEU C 201 -25.05 -17.64 -1.04
C LEU C 201 -24.25 -16.68 -1.91
N GLN C 202 -24.42 -16.81 -3.22
CA GLN C 202 -23.74 -15.94 -4.17
C GLN C 202 -24.32 -14.53 -4.10
N ARG C 203 -25.62 -14.46 -3.78
CA ARG C 203 -26.31 -13.17 -3.70
C ARG C 203 -26.00 -12.36 -2.45
N VAL C 204 -25.38 -12.98 -1.46
CA VAL C 204 -25.06 -12.25 -0.23
C VAL C 204 -23.55 -12.04 -0.02
N ARG C 205 -22.80 -12.09 -1.11
CA ARG C 205 -21.34 -11.88 -1.13
C ARG C 205 -20.89 -10.71 -0.25
N GLU C 206 -21.34 -9.52 -0.62
CA GLU C 206 -20.99 -8.30 0.09
C GLU C 206 -21.37 -8.33 1.56
N ILE C 207 -22.51 -8.95 1.85
CA ILE C 207 -22.97 -9.04 3.22
C ILE C 207 -22.05 -9.91 4.07
N ASP C 208 -21.56 -10.99 3.48
CA ASP C 208 -20.67 -11.90 4.18
C ASP C 208 -19.29 -11.29 4.39
N ALA C 209 -18.83 -10.50 3.41
CA ALA C 209 -17.53 -9.87 3.48
C ALA C 209 -17.53 -8.76 4.54
N ASN C 210 -18.58 -7.95 4.48
CA ASN C 210 -18.77 -6.85 5.42
C ASN C 210 -18.85 -7.36 6.87
N CYS C 211 -19.51 -8.50 7.07
CA CYS C 211 -19.69 -9.09 8.40
C CYS C 211 -18.40 -9.72 8.94
N SER C 212 -17.70 -10.44 8.07
CA SER C 212 -16.46 -11.09 8.47
C SER C 212 -15.45 -10.06 8.92
N LYS C 213 -15.52 -8.89 8.31
CA LYS C 213 -14.64 -7.75 8.59
C LYS C 213 -15.00 -7.12 9.94
N HIS C 214 -16.30 -7.00 10.18
CA HIS C 214 -16.78 -6.45 11.45
C HIS C 214 -16.28 -7.36 12.58
N LEU C 215 -16.57 -8.64 12.45
CA LEU C 215 -16.18 -9.65 13.44
C LEU C 215 -14.69 -9.66 13.70
N SER C 216 -13.89 -9.57 12.64
CA SER C 216 -12.44 -9.58 12.77
C SER C 216 -11.93 -8.37 13.54
N VAL C 217 -12.38 -7.18 13.13
CA VAL C 217 -11.94 -5.93 13.77
C VAL C 217 -12.35 -5.82 15.22
N VAL C 218 -13.56 -6.23 15.56
CA VAL C 218 -13.98 -6.16 16.96
C VAL C 218 -13.03 -7.10 17.71
N ASN C 219 -12.72 -8.25 17.14
CA ASN C 219 -11.78 -9.14 17.81
C ASN C 219 -10.46 -8.38 18.00
N ASP C 220 -9.96 -7.75 16.94
CA ASP C 220 -8.70 -6.98 17.02
C ASP C 220 -8.71 -5.99 18.17
N ILE C 221 -9.77 -5.18 18.23
CA ILE C 221 -9.90 -4.18 19.28
C ILE C 221 -9.73 -4.77 20.68
N TYR C 222 -10.40 -5.89 20.98
CA TYR C 222 -10.29 -6.45 22.33
C TYR C 222 -9.12 -7.39 22.58
N SER C 223 -8.52 -7.95 21.54
CA SER C 223 -7.39 -8.84 21.75
C SER C 223 -6.03 -8.15 21.64
N TYR C 224 -6.02 -6.88 21.25
CA TYR C 224 -4.76 -6.15 21.09
C TYR C 224 -3.77 -6.20 22.24
N GLU C 225 -4.22 -5.85 23.43
CA GLU C 225 -3.33 -5.84 24.58
C GLU C 225 -2.68 -7.21 24.77
N LYS C 226 -3.48 -8.27 24.73
CA LYS C 226 -2.92 -9.60 24.89
C LYS C 226 -1.93 -9.89 23.77
N GLU C 227 -2.38 -9.73 22.54
CA GLU C 227 -1.54 -9.98 21.38
C GLU C 227 -0.21 -9.24 21.55
N LEU C 228 -0.27 -8.05 22.15
CA LEU C 228 0.91 -7.25 22.38
C LEU C 228 1.68 -7.83 23.57
N TYR C 229 1.93 -9.14 23.53
CA TYR C 229 2.67 -9.80 24.60
C TYR C 229 3.99 -10.28 24.03
N THR C 230 4.14 -10.09 22.72
CA THR C 230 5.35 -10.47 22.01
C THR C 230 6.48 -9.47 22.31
N ILE C 240 5.08 -7.80 13.53
CA ILE C 240 4.81 -9.11 14.12
C ILE C 240 3.31 -9.31 14.30
N LEU C 241 2.68 -8.37 15.00
CA LEU C 241 1.28 -8.44 15.35
C LEU C 241 0.30 -8.82 14.23
N CYS C 242 0.11 -7.93 13.26
CA CYS C 242 -0.85 -8.15 12.16
C CYS C 242 -2.27 -7.94 12.68
N THR C 243 -2.61 -6.69 12.96
CA THR C 243 -3.94 -6.38 13.43
C THR C 243 -4.31 -4.98 12.99
N SER C 244 -5.60 -4.77 12.76
CA SER C 244 -6.07 -3.47 12.33
C SER C 244 -5.72 -2.38 13.35
N VAL C 245 -5.62 -2.77 14.63
CA VAL C 245 -5.30 -1.78 15.66
C VAL C 245 -3.95 -1.12 15.45
N GLN C 246 -2.93 -1.93 15.25
CA GLN C 246 -1.57 -1.46 15.02
C GLN C 246 -1.45 -0.78 13.67
N ILE C 247 -2.08 -1.37 12.67
CA ILE C 247 -2.03 -0.80 11.32
C ILE C 247 -2.58 0.62 11.30
N LEU C 248 -3.76 0.84 11.89
CA LEU C 248 -4.33 2.20 11.86
C LEU C 248 -3.53 3.17 12.73
N ALA C 249 -3.06 2.69 13.89
CA ALA C 249 -2.29 3.54 14.78
C ALA C 249 -1.06 4.08 14.07
N GLN C 250 -0.41 3.23 13.27
CA GLN C 250 0.78 3.62 12.53
C GLN C 250 0.45 4.51 11.33
N GLU C 251 -0.60 4.17 10.61
CA GLU C 251 -0.99 4.96 9.44
C GLU C 251 -1.50 6.34 9.82
N ALA C 252 -2.23 6.45 10.92
CA ALA C 252 -2.76 7.74 11.33
C ALA C 252 -1.86 8.42 12.36
N ASP C 253 -0.83 7.71 12.81
CA ASP C 253 0.11 8.18 13.81
C ASP C 253 -0.51 8.56 15.15
N VAL C 254 -1.29 7.64 15.71
CA VAL C 254 -1.91 7.87 17.01
C VAL C 254 -1.66 6.69 17.94
N THR C 255 -2.17 6.75 19.16
CA THR C 255 -1.96 5.64 20.08
C THR C 255 -2.89 4.48 19.72
N ALA C 256 -2.58 3.28 20.22
CA ALA C 256 -3.43 2.11 19.97
C ALA C 256 -4.85 2.32 20.49
N GLU C 257 -4.98 3.02 21.62
CA GLU C 257 -6.27 3.31 22.23
C GLU C 257 -7.08 4.24 21.33
N ALA C 258 -6.42 5.22 20.72
CA ALA C 258 -7.10 6.13 19.82
C ALA C 258 -7.54 5.32 18.60
N ALA C 259 -6.68 4.40 18.18
CA ALA C 259 -7.00 3.58 17.02
C ALA C 259 -8.22 2.69 17.29
N LYS C 260 -8.31 2.15 18.50
CA LYS C 260 -9.43 1.28 18.85
C LYS C 260 -10.74 2.06 18.73
N ARG C 261 -10.72 3.31 19.19
CA ARG C 261 -11.91 4.15 19.12
C ARG C 261 -12.28 4.50 17.69
N VAL C 262 -11.31 4.71 16.81
CA VAL C 262 -11.65 5.03 15.42
C VAL C 262 -12.18 3.77 14.74
N LEU C 263 -11.54 2.65 14.99
CA LEU C 263 -11.95 1.39 14.39
C LEU C 263 -13.37 1.01 14.85
N PHE C 264 -13.69 1.35 16.10
CA PHE C 264 -15.03 1.03 16.61
C PHE C 264 -16.09 1.80 15.83
N VAL C 265 -15.81 3.06 15.55
CA VAL C 265 -16.75 3.87 14.78
C VAL C 265 -16.89 3.25 13.40
N MET C 266 -15.81 2.69 12.88
CA MET C 266 -15.84 2.07 11.55
C MET C 266 -16.77 0.86 11.62
N CYS C 267 -16.72 0.13 12.72
CA CYS C 267 -17.58 -1.02 12.88
C CYS C 267 -19.06 -0.62 12.82
N ARG C 268 -19.41 0.53 13.41
CA ARG C 268 -20.79 0.97 13.35
C ARG C 268 -21.17 1.27 11.90
N GLU C 269 -20.22 1.79 11.11
CA GLU C 269 -20.48 2.07 9.70
C GLU C 269 -20.76 0.77 8.95
N TRP C 270 -20.07 -0.31 9.34
CA TRP C 270 -20.30 -1.58 8.67
C TRP C 270 -21.63 -2.18 9.07
N GLU C 271 -22.13 -1.75 10.22
CA GLU C 271 -23.41 -2.23 10.70
C GLU C 271 -24.46 -1.50 9.88
N LEU C 272 -24.24 -0.20 9.68
CA LEU C 272 -25.17 0.58 8.86
C LEU C 272 -25.13 0.03 7.44
N ARG C 273 -23.95 -0.33 6.96
CA ARG C 273 -23.84 -0.87 5.60
C ARG C 273 -24.59 -2.20 5.47
N HIS C 274 -24.53 -3.02 6.52
CA HIS C 274 -25.19 -4.32 6.55
C HIS C 274 -26.68 -4.16 6.33
N GLN C 275 -27.29 -3.27 7.10
CA GLN C 275 -28.71 -2.98 7.00
C GLN C 275 -29.05 -2.52 5.59
N LEU C 276 -28.24 -1.61 5.03
CA LEU C 276 -28.46 -1.11 3.68
C LEU C 276 -28.35 -2.24 2.65
N LEU C 277 -27.40 -3.14 2.86
CA LEU C 277 -27.22 -4.26 1.95
C LEU C 277 -28.37 -5.24 2.13
N VAL C 278 -28.93 -5.30 3.33
CA VAL C 278 -30.04 -6.19 3.58
C VAL C 278 -31.28 -5.60 2.91
N ALA C 279 -31.39 -4.27 2.95
CA ALA C 279 -32.53 -3.60 2.34
C ALA C 279 -32.56 -3.82 0.85
N ARG C 280 -31.44 -3.50 0.21
CA ARG C 280 -31.33 -3.67 -1.22
C ARG C 280 -31.63 -5.11 -1.62
N LEU C 281 -31.19 -6.06 -0.83
CA LEU C 281 -31.43 -7.45 -1.13
C LEU C 281 -32.93 -7.79 -1.24
N SER C 282 -33.72 -7.30 -0.29
CA SER C 282 -35.16 -7.56 -0.30
C SER C 282 -35.82 -6.72 -1.40
N ALA C 283 -35.45 -5.46 -1.47
CA ALA C 283 -36.00 -4.59 -2.48
C ALA C 283 -35.56 -5.18 -3.82
N GLU C 284 -34.32 -4.93 -4.20
CA GLU C 284 -33.79 -5.44 -5.47
C GLU C 284 -34.08 -6.93 -5.58
N GLY C 285 -34.90 -7.30 -6.57
CA GLY C 285 -35.23 -8.69 -6.67
C GLY C 285 -35.73 -9.10 -5.32
N LEU C 286 -34.94 -9.86 -4.57
CA LEU C 286 -35.34 -10.24 -3.22
C LEU C 286 -34.44 -11.26 -2.56
N GLU C 287 -34.82 -11.59 -1.34
CA GLU C 287 -34.13 -12.57 -0.52
C GLU C 287 -34.79 -13.91 -0.75
N THR C 288 -35.00 -14.61 0.32
CA THR C 288 -35.60 -15.91 0.36
C THR C 288 -35.87 -16.16 1.81
N PRO C 289 -36.78 -17.03 2.16
CA PRO C 289 -36.96 -17.19 3.59
C PRO C 289 -35.63 -17.52 4.21
N GLY C 290 -34.88 -18.32 3.45
CA GLY C 290 -33.55 -18.77 3.87
C GLY C 290 -32.54 -17.65 4.03
N LEU C 291 -32.44 -16.77 3.04
CA LEU C 291 -31.48 -15.66 3.11
C LEU C 291 -31.88 -14.63 4.15
N ALA C 292 -33.18 -14.50 4.40
CA ALA C 292 -33.66 -13.54 5.40
C ALA C 292 -33.26 -14.03 6.78
N ALA C 293 -33.28 -15.35 6.95
CA ALA C 293 -32.90 -15.94 8.22
C ALA C 293 -31.38 -15.88 8.36
N TYR C 294 -30.69 -16.16 7.26
CA TYR C 294 -29.23 -16.16 7.21
C TYR C 294 -28.74 -14.77 7.62
N VAL C 295 -29.14 -13.79 6.82
CA VAL C 295 -28.79 -12.40 7.00
C VAL C 295 -29.03 -11.90 8.42
N GLU C 296 -30.14 -12.32 9.03
CA GLU C 296 -30.41 -11.90 10.40
C GLU C 296 -29.42 -12.60 11.29
N GLY C 297 -29.15 -13.87 10.96
CA GLY C 297 -28.20 -14.65 11.72
C GLY C 297 -26.84 -13.98 11.82
N LEU C 298 -26.35 -13.42 10.71
CA LEU C 298 -25.06 -12.74 10.69
C LEU C 298 -25.08 -11.56 11.63
N GLU C 299 -26.16 -10.79 11.61
CA GLU C 299 -26.28 -9.65 12.51
C GLU C 299 -26.07 -10.13 13.95
N TYR C 300 -26.69 -11.26 14.30
CA TYR C 300 -26.55 -11.76 15.66
C TYR C 300 -25.13 -12.19 15.97
N GLN C 301 -24.38 -12.60 14.95
CA GLN C 301 -22.98 -12.98 15.15
C GLN C 301 -22.18 -11.75 15.51
N MET C 302 -22.37 -10.70 14.75
CA MET C 302 -21.68 -9.43 14.95
C MET C 302 -21.89 -8.88 16.35
N SER C 303 -23.13 -8.88 16.82
CA SER C 303 -23.38 -8.36 18.15
C SER C 303 -22.99 -9.36 19.23
N GLY C 304 -23.13 -10.65 18.95
CA GLY C 304 -22.76 -11.66 19.92
C GLY C 304 -21.25 -11.64 20.09
N ASN C 305 -20.56 -11.49 18.96
CA ASN C 305 -19.10 -11.45 18.90
C ASN C 305 -18.59 -10.28 19.72
N GLU C 306 -19.30 -9.16 19.63
CA GLU C 306 -18.90 -7.98 20.38
C GLU C 306 -19.06 -8.17 21.89
N LEU C 307 -20.18 -8.72 22.32
CA LEU C 307 -20.40 -8.94 23.74
C LEU C 307 -19.33 -9.92 24.20
N TRP C 308 -19.12 -10.98 23.41
CA TRP C 308 -18.11 -11.97 23.75
C TRP C 308 -16.70 -11.38 23.86
N SER C 309 -16.30 -10.61 22.85
CA SER C 309 -14.96 -10.00 22.84
C SER C 309 -14.68 -9.14 24.07
N GLN C 310 -15.69 -8.43 24.55
CA GLN C 310 -15.55 -7.56 25.70
C GLN C 310 -15.53 -8.31 27.03
N THR C 311 -16.00 -9.55 27.03
CA THR C 311 -16.06 -10.30 28.28
C THR C 311 -15.18 -11.53 28.41
N THR C 312 -14.74 -12.10 27.30
CA THR C 312 -13.92 -13.31 27.35
C THR C 312 -12.53 -13.16 27.99
N LEU C 313 -12.14 -14.17 28.77
CA LEU C 313 -10.84 -14.18 29.43
C LEU C 313 -9.75 -14.57 28.43
N ARG C 314 -10.18 -15.08 27.29
CA ARG C 314 -9.30 -15.48 26.21
C ARG C 314 -8.44 -14.29 25.74
N TYR C 315 -8.89 -13.08 26.06
CA TYR C 315 -8.20 -11.85 25.66
C TYR C 315 -7.62 -11.16 26.89
N SER C 316 -7.71 -11.84 28.02
CA SER C 316 -7.20 -11.30 29.26
C SER C 316 -5.71 -11.54 29.39
N VAL C 317 -4.98 -10.52 29.85
CA VAL C 317 -3.54 -10.63 30.03
C VAL C 317 -3.25 -11.23 31.40
N SER D 13 25.91 -14.80 -9.74
CA SER D 13 26.65 -14.00 -10.75
C SER D 13 26.24 -12.53 -10.70
N LEU D 14 24.94 -12.27 -10.73
CA LEU D 14 24.43 -10.90 -10.71
C LEU D 14 25.16 -10.11 -11.78
N GLU D 15 24.78 -10.34 -13.03
CA GLU D 15 25.40 -9.65 -14.15
C GLU D 15 24.67 -8.34 -14.41
N PRO D 16 25.29 -7.19 -14.08
CA PRO D 16 24.62 -5.93 -14.32
C PRO D 16 24.22 -5.83 -15.78
N PRO D 17 22.97 -5.41 -16.04
CA PRO D 17 22.51 -5.29 -17.42
C PRO D 17 23.20 -4.09 -18.09
N PRO D 18 23.20 -4.04 -19.42
CA PRO D 18 23.84 -2.93 -20.13
C PRO D 18 23.37 -1.53 -19.73
N SER D 19 24.31 -0.60 -19.72
CA SER D 19 24.05 0.80 -19.36
C SER D 19 24.79 1.74 -20.32
N THR D 20 24.18 2.86 -20.69
CA THR D 20 24.85 3.81 -21.58
C THR D 20 25.63 4.83 -20.75
N PHE D 21 25.50 4.74 -19.43
CA PHE D 21 26.19 5.62 -18.48
C PHE D 21 27.58 5.06 -18.22
N GLN D 22 28.61 5.82 -18.55
CA GLN D 22 29.99 5.39 -18.31
C GLN D 22 30.59 6.19 -17.17
N PRO D 23 30.94 5.50 -16.07
CA PRO D 23 31.52 6.22 -14.93
C PRO D 23 32.83 6.89 -15.30
N LEU D 24 33.15 7.95 -14.57
CA LEU D 24 34.38 8.71 -14.77
C LEU D 24 35.11 8.74 -13.45
N CYS D 25 36.41 9.00 -13.50
CA CYS D 25 37.21 9.04 -12.30
C CYS D 25 38.05 10.32 -12.33
N HIS D 26 38.11 11.06 -11.21
CA HIS D 26 38.89 12.28 -11.16
C HIS D 26 40.38 11.96 -11.31
N PRO D 27 41.06 12.56 -12.29
CA PRO D 27 42.49 12.36 -12.58
C PRO D 27 43.42 12.57 -11.40
N LEU D 28 43.02 13.44 -10.48
CA LEU D 28 43.84 13.73 -9.32
C LEU D 28 43.64 12.73 -8.20
N VAL D 29 42.84 11.69 -8.43
CA VAL D 29 42.55 10.74 -7.36
C VAL D 29 43.77 10.24 -6.54
N GLU D 30 44.83 9.78 -7.19
CA GLU D 30 45.97 9.29 -6.43
C GLU D 30 46.57 10.41 -5.60
N GLU D 31 46.76 11.56 -6.24
CA GLU D 31 47.30 12.74 -5.60
C GLU D 31 46.52 13.14 -4.34
N VAL D 32 45.19 13.15 -4.45
CA VAL D 32 44.34 13.51 -3.32
C VAL D 32 44.24 12.40 -2.27
N SER D 33 44.30 11.15 -2.72
CA SER D 33 44.23 10.03 -1.80
C SER D 33 45.37 10.07 -0.79
N LYS D 34 46.61 10.04 -1.27
CA LYS D 34 47.73 10.06 -0.34
C LYS D 34 47.71 11.36 0.46
N GLU D 35 47.22 12.42 -0.16
CA GLU D 35 47.13 13.71 0.53
C GLU D 35 46.13 13.62 1.69
N VAL D 36 44.94 13.09 1.42
CA VAL D 36 43.92 13.00 2.46
C VAL D 36 44.12 11.83 3.42
N ASP D 37 44.47 10.67 2.89
CA ASP D 37 44.71 9.49 3.72
C ASP D 37 45.77 9.83 4.76
N GLY D 38 46.88 10.39 4.28
CA GLY D 38 47.97 10.77 5.17
C GLY D 38 47.49 11.70 6.25
N TYR D 39 46.63 12.64 5.89
CA TYR D 39 46.12 13.58 6.87
C TYR D 39 45.44 12.88 8.04
N PHE D 40 44.51 11.99 7.75
CA PHE D 40 43.81 11.27 8.83
C PHE D 40 44.71 10.29 9.55
N LEU D 41 45.67 9.72 8.85
CA LEU D 41 46.58 8.77 9.46
C LEU D 41 47.44 9.45 10.51
N GLN D 42 47.51 10.78 10.45
CA GLN D 42 48.32 11.53 11.41
C GLN D 42 47.51 12.03 12.60
N HIS D 43 46.28 12.48 12.35
CA HIS D 43 45.45 13.01 13.41
C HIS D 43 44.39 12.07 13.94
N TRP D 44 43.82 11.26 13.05
CA TRP D 44 42.79 10.32 13.46
C TRP D 44 43.52 9.14 14.11
N ASN D 45 43.25 8.92 15.40
CA ASN D 45 43.90 7.83 16.10
C ASN D 45 43.06 6.56 16.03
N PHE D 46 43.53 5.61 15.22
CA PHE D 46 42.85 4.34 15.05
C PHE D 46 43.23 3.43 16.22
N PRO D 47 42.50 2.31 16.38
CA PRO D 47 42.78 1.35 17.46
C PRO D 47 44.14 0.66 17.31
N ASN D 48 44.41 0.12 16.13
CA ASN D 48 45.66 -0.59 15.89
C ASN D 48 46.20 -0.38 14.49
N GLU D 49 47.39 -0.93 14.23
CA GLU D 49 48.04 -0.82 12.93
C GLU D 49 47.19 -1.50 11.86
N LYS D 50 46.25 -2.33 12.31
CA LYS D 50 45.37 -3.04 11.38
C LYS D 50 44.16 -2.19 10.99
N ALA D 51 43.48 -1.61 11.98
CA ALA D 51 42.34 -0.76 11.68
C ALA D 51 42.85 0.34 10.75
N ARG D 52 44.13 0.65 10.90
CA ARG D 52 44.79 1.67 10.10
C ARG D 52 44.92 1.21 8.64
N LYS D 53 45.67 0.13 8.42
CA LYS D 53 45.85 -0.40 7.06
C LYS D 53 44.51 -0.71 6.42
N LYS D 54 43.50 -0.92 7.26
CA LYS D 54 42.15 -1.21 6.79
C LYS D 54 41.56 0.06 6.21
N PHE D 55 41.93 1.18 6.82
CA PHE D 55 41.45 2.49 6.40
C PHE D 55 42.01 2.82 5.01
N VAL D 56 43.34 2.78 4.88
CA VAL D 56 43.98 3.07 3.60
C VAL D 56 43.47 2.15 2.51
N ALA D 57 42.95 0.99 2.90
CA ALA D 57 42.42 0.02 1.95
C ALA D 57 41.04 0.44 1.42
N ALA D 58 40.20 0.97 2.32
CA ALA D 58 38.88 1.40 1.93
C ALA D 58 38.95 2.53 0.90
N GLY D 59 39.97 3.37 1.03
CA GLY D 59 40.14 4.48 0.10
C GLY D 59 38.87 5.27 -0.13
N PHE D 60 38.53 6.11 0.85
CA PHE D 60 37.34 6.92 0.73
C PHE D 60 37.46 8.03 -0.30
N SER D 61 38.70 8.46 -0.58
CA SER D 61 38.94 9.52 -1.57
C SER D 61 38.67 9.00 -2.97
N ARG D 62 38.87 7.71 -3.18
CA ARG D 62 38.63 7.11 -4.49
C ARG D 62 37.14 7.15 -4.75
N VAL D 63 36.39 6.93 -3.68
CA VAL D 63 34.93 6.95 -3.74
C VAL D 63 34.51 8.35 -4.14
N THR D 64 35.07 9.33 -3.45
CA THR D 64 34.77 10.73 -3.72
C THR D 64 35.09 11.07 -5.17
N CYS D 65 36.24 10.62 -5.65
CA CYS D 65 36.63 10.93 -7.01
C CYS D 65 35.80 10.22 -8.07
N LEU D 66 35.06 9.19 -7.65
CA LEU D 66 34.18 8.50 -8.59
C LEU D 66 32.89 9.30 -8.65
N TYR D 67 32.42 9.76 -7.50
CA TYR D 67 31.20 10.55 -7.42
C TYR D 67 31.31 11.91 -8.07
N PHE D 68 32.39 12.63 -7.78
CA PHE D 68 32.59 13.96 -8.33
C PHE D 68 33.79 13.99 -9.26
N PRO D 69 33.71 13.30 -10.41
CA PRO D 69 34.80 13.25 -11.37
C PRO D 69 35.16 14.62 -11.94
N LYS D 70 34.20 15.54 -11.88
CA LYS D 70 34.46 16.85 -12.44
C LYS D 70 34.57 17.93 -11.40
N ALA D 71 34.88 17.53 -10.17
CA ALA D 71 35.05 18.51 -9.11
C ALA D 71 36.21 19.39 -9.56
N LEU D 72 36.23 20.65 -9.13
CA LEU D 72 37.34 21.50 -9.52
C LEU D 72 38.59 20.95 -8.83
N ASP D 73 39.72 21.06 -9.52
CA ASP D 73 40.99 20.57 -9.00
C ASP D 73 41.34 21.06 -7.61
N ASP D 74 41.11 22.33 -7.32
CA ASP D 74 41.46 22.85 -6.01
C ASP D 74 40.37 22.69 -4.96
N ARG D 75 39.38 21.87 -5.25
CA ARG D 75 38.29 21.68 -4.31
C ARG D 75 37.98 20.21 -4.03
N ILE D 76 38.38 19.36 -4.96
CA ILE D 76 38.14 17.93 -4.82
C ILE D 76 38.58 17.42 -3.45
N HIS D 77 39.66 17.98 -2.90
CA HIS D 77 40.15 17.49 -1.61
C HIS D 77 39.19 17.84 -0.48
N PHE D 78 38.43 18.91 -0.64
CA PHE D 78 37.49 19.29 0.40
C PHE D 78 36.44 18.17 0.45
N ALA D 79 35.97 17.79 -0.72
CA ALA D 79 34.97 16.74 -0.82
C ALA D 79 35.51 15.46 -0.21
N CYS D 80 36.73 15.07 -0.57
CA CYS D 80 37.31 13.84 -0.04
C CYS D 80 37.37 13.83 1.48
N ARG D 81 37.80 14.92 2.06
CA ARG D 81 37.92 15.01 3.52
C ARG D 81 36.55 14.96 4.18
N LEU D 82 35.57 15.68 3.62
CA LEU D 82 34.25 15.68 4.22
C LEU D 82 33.64 14.28 4.23
N LEU D 83 33.75 13.55 3.12
CA LEU D 83 33.20 12.21 3.06
C LEU D 83 33.99 11.25 3.92
N THR D 84 35.31 11.36 3.86
CA THR D 84 36.16 10.49 4.64
C THR D 84 35.80 10.57 6.13
N VAL D 85 35.41 11.75 6.58
CA VAL D 85 35.06 11.92 7.99
C VAL D 85 33.64 11.46 8.27
N LEU D 86 32.73 11.66 7.33
CA LEU D 86 31.35 11.24 7.52
C LEU D 86 31.33 9.70 7.54
N PHE D 87 32.17 9.10 6.70
CA PHE D 87 32.26 7.64 6.64
C PHE D 87 32.89 7.10 7.92
N LEU D 88 33.90 7.80 8.43
CA LEU D 88 34.56 7.35 9.66
C LEU D 88 33.60 7.48 10.82
N ILE D 89 32.95 8.62 10.93
CA ILE D 89 31.99 8.83 12.02
C ILE D 89 30.95 7.74 11.87
N ASP D 90 30.55 7.49 10.62
CA ASP D 90 29.55 6.48 10.29
C ASP D 90 29.88 5.14 10.96
N ASP D 91 31.05 4.59 10.67
CA ASP D 91 31.45 3.32 11.24
C ASP D 91 31.51 3.41 12.75
N LEU D 92 31.96 4.57 13.25
CA LEU D 92 32.08 4.78 14.68
C LEU D 92 30.73 4.71 15.37
N LEU D 93 29.72 5.34 14.78
CA LEU D 93 28.37 5.36 15.34
C LEU D 93 27.78 3.96 15.53
N GLU D 94 28.05 3.07 14.58
CA GLU D 94 27.53 1.70 14.63
C GLU D 94 27.81 0.94 15.92
N TYR D 95 28.55 1.56 16.84
CA TYR D 95 28.88 0.92 18.10
C TYR D 95 28.41 1.67 19.35
N MET D 96 27.44 2.57 19.19
CA MET D 96 26.92 3.34 20.32
C MET D 96 25.42 3.61 20.20
N SER D 97 24.75 3.66 21.35
CA SER D 97 23.31 3.90 21.44
C SER D 97 22.82 5.15 20.73
N PHE D 98 21.52 5.15 20.40
CA PHE D 98 20.91 6.28 19.71
C PHE D 98 20.95 7.53 20.56
N GLU D 99 21.57 7.42 21.73
CA GLU D 99 21.70 8.54 22.65
C GLU D 99 23.12 9.07 22.55
N GLU D 100 24.07 8.16 22.67
CA GLU D 100 25.49 8.48 22.59
C GLU D 100 25.80 9.03 21.20
N GLY D 101 25.13 8.47 20.20
CA GLY D 101 25.34 8.89 18.82
C GLY D 101 24.82 10.28 18.51
N SER D 102 23.58 10.56 18.92
CA SER D 102 22.98 11.85 18.65
C SER D 102 23.69 12.96 19.43
N ALA D 103 24.28 12.61 20.56
CA ALA D 103 25.01 13.57 21.39
C ALA D 103 26.27 13.93 20.62
N TYR D 104 27.00 12.90 20.26
CA TYR D 104 28.25 12.99 19.51
C TYR D 104 28.09 13.93 18.31
N ASN D 105 27.11 13.64 17.47
CA ASN D 105 26.85 14.43 16.28
C ASN D 105 26.39 15.85 16.57
N GLU D 106 25.52 16.00 17.55
CA GLU D 106 25.00 17.33 17.86
C GLU D 106 26.05 18.33 18.34
N LYS D 107 27.20 17.84 18.78
CA LYS D 107 28.25 18.75 19.23
C LYS D 107 29.19 19.08 18.09
N LEU D 108 29.04 18.36 16.99
CA LEU D 108 29.88 18.57 15.82
C LEU D 108 29.24 19.59 14.90
N ILE D 109 28.02 20.00 15.22
CA ILE D 109 27.34 20.95 14.37
C ILE D 109 27.75 22.40 14.64
N PRO D 110 27.66 22.87 15.90
CA PRO D 110 28.07 24.26 16.16
C PRO D 110 29.55 24.43 15.77
N ILE D 111 30.35 23.42 16.10
CA ILE D 111 31.77 23.39 15.78
C ILE D 111 31.95 23.47 14.27
N SER D 112 31.05 22.83 13.53
CA SER D 112 31.10 22.86 12.07
C SER D 112 30.79 24.26 11.61
N ARG D 113 29.97 24.97 12.39
CA ARG D 113 29.59 26.33 12.06
C ARG D 113 30.72 27.29 12.37
N GLY D 114 31.57 26.90 13.31
CA GLY D 114 32.68 27.75 13.72
C GLY D 114 32.30 28.56 14.94
N ASP D 115 31.10 28.32 15.46
CA ASP D 115 30.61 29.04 16.63
C ASP D 115 31.24 28.51 17.91
N VAL D 116 31.58 27.24 17.92
CA VAL D 116 32.18 26.60 19.07
C VAL D 116 33.56 26.07 18.71
N LEU D 117 34.55 26.37 19.54
CA LEU D 117 35.91 25.92 19.31
C LEU D 117 36.08 24.43 19.57
N PRO D 118 37.00 23.82 18.75
CA PRO D 118 37.28 22.37 18.85
C PRO D 118 38.14 22.01 20.01
N ASP D 119 37.65 21.32 21.03
CA ASP D 119 38.54 20.89 22.10
C ASP D 119 39.64 20.11 21.42
N ARG D 120 40.75 20.78 21.14
CA ARG D 120 41.90 20.20 20.46
C ARG D 120 42.33 18.83 21.00
N SER D 121 41.75 18.42 22.12
CA SER D 121 42.08 17.14 22.73
C SER D 121 41.34 15.97 22.06
N ILE D 122 40.30 16.29 21.30
CA ILE D 122 39.49 15.28 20.62
C ILE D 122 39.58 15.48 19.10
N PRO D 123 40.39 14.66 18.42
CA PRO D 123 40.62 14.69 16.97
C PRO D 123 39.44 14.98 16.05
N VAL D 124 38.36 14.21 16.16
CA VAL D 124 37.21 14.44 15.29
C VAL D 124 36.75 15.89 15.37
N GLU D 125 36.87 16.48 16.55
CA GLU D 125 36.43 17.86 16.75
C GLU D 125 37.21 18.88 15.95
N TYR D 126 38.53 18.87 16.07
CA TYR D 126 39.32 19.85 15.33
C TYR D 126 39.51 19.51 13.86
N ILE D 127 39.24 18.27 13.48
CA ILE D 127 39.34 17.88 12.08
C ILE D 127 38.18 18.58 11.39
N ILE D 128 37.00 18.47 12.01
CA ILE D 128 35.79 19.08 11.49
C ILE D 128 35.94 20.58 11.46
N TYR D 129 36.38 21.15 12.58
CA TYR D 129 36.57 22.59 12.68
C TYR D 129 37.44 23.09 11.54
N ASP D 130 38.67 22.59 11.48
CA ASP D 130 39.62 23.03 10.46
C ASP D 130 39.11 22.80 9.04
N LEU D 131 38.42 21.70 8.81
CA LEU D 131 37.93 21.42 7.47
C LEU D 131 36.96 22.52 7.07
N TRP D 132 35.97 22.79 7.92
CA TRP D 132 35.01 23.82 7.58
C TRP D 132 35.59 25.23 7.54
N GLU D 133 36.49 25.54 8.48
CA GLU D 133 37.12 26.86 8.49
C GLU D 133 37.84 26.97 7.17
N SER D 134 38.40 25.86 6.74
CA SER D 134 39.14 25.83 5.50
C SER D 134 38.24 26.02 4.29
N MET D 135 37.04 25.45 4.31
CA MET D 135 36.15 25.61 3.16
C MET D 135 35.65 27.04 3.07
N ARG D 136 35.32 27.64 4.21
CA ARG D 136 34.85 29.02 4.20
C ARG D 136 35.95 29.92 3.70
N ALA D 137 37.19 29.58 4.02
CA ALA D 137 38.34 30.38 3.62
C ALA D 137 38.50 30.34 2.10
N HIS D 138 38.07 29.25 1.48
CA HIS D 138 38.18 29.12 0.03
C HIS D 138 37.00 29.77 -0.71
N ASP D 139 35.79 29.54 -0.22
CA ASP D 139 34.57 30.09 -0.84
C ASP D 139 33.50 30.14 0.25
N ARG D 140 33.48 31.24 1.01
CA ARG D 140 32.52 31.34 2.10
C ARG D 140 31.05 31.20 1.77
N GLU D 141 30.61 31.72 0.63
CA GLU D 141 29.20 31.63 0.27
C GLU D 141 28.75 30.19 0.03
N MET D 142 29.44 29.52 -0.89
CA MET D 142 29.10 28.15 -1.22
C MET D 142 29.34 27.18 -0.07
N ALA D 143 30.24 27.55 0.84
CA ALA D 143 30.54 26.68 1.98
C ALA D 143 29.41 26.73 3.01
N ASP D 144 28.84 27.91 3.21
CA ASP D 144 27.75 28.04 4.15
C ASP D 144 26.52 27.33 3.58
N GLU D 145 26.43 27.25 2.24
CA GLU D 145 25.31 26.61 1.57
C GLU D 145 25.22 25.10 1.76
N ILE D 146 26.28 24.48 2.25
CA ILE D 146 26.26 23.04 2.45
C ILE D 146 26.12 22.67 3.92
N LEU D 147 26.16 23.66 4.80
CA LEU D 147 26.02 23.38 6.22
C LEU D 147 24.73 22.59 6.45
N GLU D 148 23.62 23.15 5.98
CA GLU D 148 22.31 22.52 6.16
C GLU D 148 22.28 21.09 5.63
N PRO D 149 22.58 20.90 4.33
CA PRO D 149 22.54 19.53 3.82
C PRO D 149 23.39 18.57 4.67
N VAL D 150 24.54 19.03 5.16
CA VAL D 150 25.38 18.18 5.98
C VAL D 150 24.71 17.90 7.33
N PHE D 151 24.09 18.93 7.92
CA PHE D 151 23.43 18.74 9.21
C PHE D 151 22.25 17.77 9.11
N LEU D 152 21.41 17.97 8.10
CA LEU D 152 20.26 17.10 7.87
C LEU D 152 20.73 15.65 7.84
N PHE D 153 21.80 15.40 7.10
CA PHE D 153 22.36 14.06 6.98
C PHE D 153 22.87 13.51 8.31
N MET D 154 23.63 14.31 9.03
CA MET D 154 24.18 13.87 10.31
C MET D 154 23.08 13.57 11.32
N ARG D 155 22.00 14.34 11.28
CA ARG D 155 20.88 14.12 12.19
C ARG D 155 20.22 12.79 11.86
N ALA D 156 20.09 12.51 10.56
CA ALA D 156 19.46 11.29 10.07
C ALA D 156 20.14 9.99 10.52
N GLN D 157 21.45 10.02 10.67
CA GLN D 157 22.18 8.82 11.09
C GLN D 157 21.82 8.39 12.50
N THR D 158 21.27 9.34 13.28
CA THR D 158 20.99 9.05 14.68
C THR D 158 19.54 8.73 15.04
N ASP D 159 18.61 8.88 14.11
CA ASP D 159 17.22 8.58 14.43
C ASP D 159 16.79 7.22 13.92
N ARG D 160 15.90 6.57 14.67
CA ARG D 160 15.38 5.27 14.28
C ARG D 160 14.25 5.49 13.28
N THR D 161 14.16 4.61 12.29
CA THR D 161 13.13 4.70 11.26
C THR D 161 11.73 4.90 11.85
N ARG D 162 10.81 5.40 11.02
CA ARG D 162 9.43 5.64 11.42
C ARG D 162 8.77 4.44 12.11
N ALA D 163 7.71 3.92 11.49
CA ALA D 163 6.99 2.77 12.02
C ALA D 163 5.63 2.62 11.33
N ARG D 164 5.64 2.41 10.01
CA ARG D 164 4.41 2.22 9.27
C ARG D 164 4.60 1.30 8.08
N PRO D 165 3.51 0.66 7.62
CA PRO D 165 3.63 -0.24 6.48
C PRO D 165 4.23 0.52 5.30
N MET D 166 5.02 -0.15 4.47
CA MET D 166 5.61 0.51 3.33
C MET D 166 5.84 -0.44 2.16
N GLY D 167 5.17 -0.15 1.06
CA GLY D 167 5.32 -0.99 -0.12
C GLY D 167 6.38 -0.37 -1.00
N LEU D 168 6.57 -0.96 -2.17
CA LEU D 168 7.57 -0.50 -3.13
C LEU D 168 7.38 0.95 -3.53
N GLY D 169 6.16 1.35 -3.85
CA GLY D 169 5.90 2.71 -4.26
C GLY D 169 6.20 3.75 -3.20
N GLY D 170 5.90 3.45 -1.94
CA GLY D 170 6.17 4.41 -0.88
C GLY D 170 7.66 4.45 -0.56
N TYR D 171 8.29 3.29 -0.56
CA TYR D 171 9.71 3.20 -0.28
C TYR D 171 10.48 3.97 -1.34
N LEU D 172 10.07 3.86 -2.60
CA LEU D 172 10.75 4.59 -3.66
C LEU D 172 10.49 6.11 -3.59
N GLU D 173 9.32 6.52 -3.12
CA GLU D 173 9.03 7.96 -2.99
C GLU D 173 9.84 8.48 -1.79
N TYR D 174 9.95 7.65 -0.76
CA TYR D 174 10.71 8.04 0.41
C TYR D 174 12.18 8.25 0.03
N ARG D 175 12.66 7.45 -0.92
CA ARG D 175 14.05 7.56 -1.38
C ARG D 175 14.29 8.71 -2.33
N GLU D 176 13.26 9.18 -3.03
CA GLU D 176 13.41 10.31 -3.94
C GLU D 176 13.83 11.54 -3.15
N ARG D 177 13.68 11.48 -1.82
CA ARG D 177 14.02 12.59 -0.94
C ARG D 177 15.14 12.24 0.07
N ASP D 178 15.95 11.24 -0.26
CA ASP D 178 17.04 10.81 0.60
C ASP D 178 17.97 11.94 1.04
N VAL D 179 18.24 12.01 2.34
CA VAL D 179 19.12 13.04 2.89
C VAL D 179 20.53 12.89 2.33
N GLY D 180 21.06 11.68 2.36
CA GLY D 180 22.39 11.44 1.85
C GLY D 180 22.52 11.89 0.41
N LYS D 181 21.60 11.47 -0.45
CA LYS D 181 21.67 11.85 -1.84
C LYS D 181 21.59 13.36 -2.00
N GLU D 182 20.85 14.03 -1.12
CA GLU D 182 20.80 15.49 -1.24
C GLU D 182 22.17 16.07 -0.82
N LEU D 183 22.78 15.45 0.19
CA LEU D 183 24.10 15.88 0.63
C LEU D 183 25.10 15.75 -0.54
N LEU D 184 25.11 14.59 -1.20
CA LEU D 184 26.02 14.35 -2.31
C LEU D 184 25.87 15.36 -3.44
N ALA D 185 24.62 15.70 -3.78
CA ALA D 185 24.37 16.66 -4.86
C ALA D 185 24.68 18.09 -4.43
N ALA D 186 24.73 18.35 -3.14
CA ALA D 186 25.06 19.69 -2.69
C ALA D 186 26.60 19.77 -2.60
N LEU D 187 27.21 18.64 -2.25
CA LEU D 187 28.67 18.59 -2.14
C LEU D 187 29.20 18.78 -3.56
N MET D 188 28.54 18.12 -4.49
CA MET D 188 28.93 18.18 -5.90
C MET D 188 28.93 19.58 -6.46
N ARG D 189 27.91 20.38 -6.11
CA ARG D 189 27.83 21.74 -6.60
C ARG D 189 28.95 22.56 -5.99
N PHE D 190 29.26 22.31 -4.72
CA PHE D 190 30.36 23.02 -4.05
C PHE D 190 31.65 22.64 -4.77
N SER D 191 31.81 21.34 -5.02
CA SER D 191 33.00 20.83 -5.69
C SER D 191 33.21 21.37 -7.10
N MET D 192 32.13 21.48 -7.87
CA MET D 192 32.24 21.97 -9.23
C MET D 192 32.16 23.49 -9.28
N GLY D 193 31.96 24.09 -8.11
CA GLY D 193 31.84 25.55 -8.06
C GLY D 193 30.61 26.03 -8.82
N LEU D 194 29.56 25.22 -8.82
CA LEU D 194 28.32 25.57 -9.50
C LEU D 194 27.36 26.35 -8.61
N LYS D 195 27.16 27.62 -8.93
CA LYS D 195 26.24 28.45 -8.16
C LYS D 195 24.89 28.36 -8.88
N LEU D 196 23.98 27.58 -8.30
CA LEU D 196 22.64 27.38 -8.86
C LEU D 196 21.57 28.04 -8.00
N SER D 197 20.82 28.97 -8.59
CA SER D 197 19.75 29.65 -7.86
C SER D 197 18.60 28.67 -7.63
N PRO D 198 17.78 28.90 -6.60
CA PRO D 198 16.66 28.00 -6.30
C PRO D 198 15.68 27.88 -7.47
N SER D 199 15.74 28.82 -8.40
CA SER D 199 14.85 28.80 -9.57
C SER D 199 15.31 27.74 -10.55
N GLU D 200 16.61 27.69 -10.81
CA GLU D 200 17.14 26.69 -11.71
C GLU D 200 17.00 25.33 -11.02
N LEU D 201 17.18 25.28 -9.70
CA LEU D 201 17.07 24.03 -8.97
C LEU D 201 15.67 23.45 -9.15
N GLN D 202 14.68 24.33 -9.16
CA GLN D 202 13.28 23.95 -9.35
C GLN D 202 13.07 23.14 -10.62
N ARG D 203 13.63 23.64 -11.72
CA ARG D 203 13.50 23.01 -13.04
C ARG D 203 14.01 21.58 -13.16
N VAL D 204 14.74 21.09 -12.17
CA VAL D 204 15.28 19.73 -12.26
C VAL D 204 14.90 18.80 -11.09
N ARG D 205 13.82 19.14 -10.40
CA ARG D 205 13.35 18.32 -9.28
C ARG D 205 13.03 16.88 -9.72
N GLU D 206 12.50 16.70 -10.92
CA GLU D 206 12.18 15.35 -11.39
C GLU D 206 13.48 14.56 -11.59
N ILE D 207 14.47 15.24 -12.16
CA ILE D 207 15.77 14.65 -12.41
C ILE D 207 16.45 14.28 -11.09
N ASP D 208 16.42 15.21 -10.13
CA ASP D 208 17.00 14.96 -8.81
C ASP D 208 16.29 13.79 -8.12
N ALA D 209 14.96 13.80 -8.14
CA ALA D 209 14.20 12.73 -7.53
C ALA D 209 14.57 11.40 -8.19
N ASN D 210 14.62 11.39 -9.52
CA ASN D 210 14.96 10.20 -10.30
C ASN D 210 16.35 9.66 -9.90
N CYS D 211 17.34 10.57 -9.88
CA CYS D 211 18.70 10.23 -9.51
C CYS D 211 18.75 9.66 -8.09
N SER D 212 18.12 10.37 -7.17
CA SER D 212 18.09 9.96 -5.78
C SER D 212 17.67 8.49 -5.63
N LYS D 213 16.68 8.07 -6.41
CA LYS D 213 16.17 6.71 -6.42
C LYS D 213 17.20 5.71 -6.93
N HIS D 214 17.83 6.06 -8.04
CA HIS D 214 18.83 5.22 -8.67
C HIS D 214 19.97 4.90 -7.70
N LEU D 215 20.49 5.94 -7.06
CA LEU D 215 21.58 5.81 -6.10
C LEU D 215 21.22 4.89 -4.94
N SER D 216 20.03 5.12 -4.35
CA SER D 216 19.56 4.31 -3.20
C SER D 216 19.33 2.84 -3.52
N VAL D 217 18.71 2.58 -4.67
CA VAL D 217 18.40 1.21 -5.10
C VAL D 217 19.68 0.43 -5.46
N VAL D 218 20.60 1.05 -6.20
CA VAL D 218 21.85 0.37 -6.50
C VAL D 218 22.53 0.06 -5.16
N ASN D 219 22.44 0.96 -4.19
CA ASN D 219 23.02 0.71 -2.88
C ASN D 219 22.32 -0.48 -2.21
N ASP D 220 20.99 -0.50 -2.24
CA ASP D 220 20.24 -1.60 -1.63
C ASP D 220 20.68 -2.92 -2.26
N ILE D 221 20.85 -2.91 -3.56
CA ILE D 221 21.24 -4.13 -4.28
C ILE D 221 22.56 -4.73 -3.79
N TYR D 222 23.58 -3.91 -3.56
CA TYR D 222 24.85 -4.49 -3.15
C TYR D 222 25.10 -4.64 -1.66
N SER D 223 24.31 -3.95 -0.86
CA SER D 223 24.47 -4.03 0.58
C SER D 223 23.50 -5.00 1.22
N TYR D 224 22.57 -5.52 0.43
CA TYR D 224 21.60 -6.44 0.99
C TYR D 224 22.22 -7.54 1.83
N GLU D 225 23.16 -8.27 1.24
CA GLU D 225 23.82 -9.37 1.91
C GLU D 225 24.39 -9.00 3.27
N LYS D 226 25.22 -7.96 3.32
CA LYS D 226 25.81 -7.58 4.58
C LYS D 226 24.71 -7.25 5.58
N GLU D 227 23.69 -6.53 5.14
CA GLU D 227 22.60 -6.17 6.03
C GLU D 227 21.88 -7.39 6.58
N LEU D 228 22.51 -8.57 6.41
CA LEU D 228 21.98 -9.84 6.89
C LEU D 228 21.54 -9.76 8.36
N TYR D 229 22.34 -9.07 9.16
CA TYR D 229 22.08 -8.91 10.59
C TYR D 229 20.85 -8.05 10.85
N LEU D 241 14.23 -5.10 8.13
CA LEU D 241 14.97 -3.95 7.65
C LEU D 241 14.13 -3.10 6.70
N CYS D 242 14.76 -2.09 6.11
CA CYS D 242 14.09 -1.17 5.19
C CYS D 242 14.86 -1.12 3.87
N THR D 243 14.53 -2.00 2.92
CA THR D 243 15.25 -2.03 1.66
C THR D 243 14.42 -2.49 0.45
N SER D 244 14.66 -1.84 -0.69
CA SER D 244 13.94 -2.13 -1.92
C SER D 244 14.06 -3.58 -2.28
N VAL D 245 15.20 -4.18 -1.95
CA VAL D 245 15.44 -5.59 -2.24
C VAL D 245 14.48 -6.50 -1.50
N GLN D 246 14.30 -6.28 -0.20
CA GLN D 246 13.41 -7.14 0.52
C GLN D 246 11.93 -6.88 0.22
N ILE D 247 11.61 -5.61 0.05
CA ILE D 247 10.25 -5.23 -0.25
C ILE D 247 9.77 -5.88 -1.57
N LEU D 248 10.56 -5.75 -2.63
CA LEU D 248 10.21 -6.35 -3.91
C LEU D 248 10.15 -7.86 -3.87
N ALA D 249 11.05 -8.46 -3.08
CA ALA D 249 11.07 -9.91 -2.96
C ALA D 249 9.79 -10.41 -2.33
N GLN D 250 9.28 -9.64 -1.37
CA GLN D 250 8.04 -10.03 -0.71
C GLN D 250 6.83 -9.73 -1.61
N GLU D 251 6.86 -8.60 -2.29
CA GLU D 251 5.75 -8.26 -3.16
C GLU D 251 5.61 -9.16 -4.39
N ALA D 252 6.73 -9.60 -4.94
CA ALA D 252 6.73 -10.48 -6.11
C ALA D 252 6.79 -11.96 -5.74
N ASP D 253 7.20 -12.23 -4.51
CA ASP D 253 7.35 -13.58 -3.97
C ASP D 253 8.48 -14.34 -4.67
N VAL D 254 9.64 -13.73 -4.73
CA VAL D 254 10.81 -14.33 -5.34
C VAL D 254 11.95 -14.15 -4.35
N THR D 255 13.09 -14.75 -4.65
CA THR D 255 14.27 -14.63 -3.81
C THR D 255 14.83 -13.22 -3.85
N ALA D 256 15.71 -12.94 -2.89
CA ALA D 256 16.37 -11.65 -2.79
C ALA D 256 17.22 -11.44 -4.04
N GLU D 257 17.92 -12.49 -4.45
CA GLU D 257 18.77 -12.43 -5.62
C GLU D 257 17.96 -12.11 -6.88
N ALA D 258 16.78 -12.67 -6.98
CA ALA D 258 15.92 -12.40 -8.14
C ALA D 258 15.44 -10.94 -8.07
N ALA D 259 15.18 -10.47 -6.86
CA ALA D 259 14.71 -9.08 -6.68
C ALA D 259 15.77 -8.09 -7.14
N LYS D 260 17.02 -8.34 -6.76
CA LYS D 260 18.14 -7.47 -7.15
C LYS D 260 18.19 -7.38 -8.67
N ARG D 261 18.01 -8.53 -9.33
CA ARG D 261 18.03 -8.58 -10.78
C ARG D 261 16.89 -7.75 -11.41
N VAL D 262 15.72 -7.74 -10.80
CA VAL D 262 14.61 -6.96 -11.35
C VAL D 262 14.89 -5.48 -11.09
N LEU D 263 15.35 -5.18 -9.88
CA LEU D 263 15.69 -3.81 -9.50
C LEU D 263 16.74 -3.21 -10.45
N PHE D 264 17.72 -4.01 -10.84
CA PHE D 264 18.74 -3.51 -11.74
C PHE D 264 18.15 -3.05 -13.08
N VAL D 265 17.18 -3.80 -13.59
CA VAL D 265 16.53 -3.42 -14.85
C VAL D 265 15.72 -2.14 -14.65
N MET D 266 15.15 -1.98 -13.46
CA MET D 266 14.40 -0.77 -13.15
C MET D 266 15.36 0.40 -13.15
N CYS D 267 16.55 0.21 -12.57
CA CYS D 267 17.55 1.28 -12.57
C CYS D 267 17.89 1.71 -14.02
N ARG D 268 18.05 0.75 -14.93
CA ARG D 268 18.35 1.09 -16.32
C ARG D 268 17.20 1.89 -16.91
N GLU D 269 16.00 1.70 -16.39
CA GLU D 269 14.85 2.47 -16.88
C GLU D 269 14.98 3.89 -16.35
N TRP D 270 15.42 4.03 -15.10
CA TRP D 270 15.59 5.38 -14.54
C TRP D 270 16.69 6.12 -15.28
N GLU D 271 17.67 5.39 -15.79
CA GLU D 271 18.76 6.02 -16.54
C GLU D 271 18.18 6.53 -17.85
N LEU D 272 17.29 5.74 -18.46
CA LEU D 272 16.67 6.17 -19.70
C LEU D 272 15.79 7.37 -19.37
N ARG D 273 15.16 7.34 -18.21
CA ARG D 273 14.30 8.45 -17.82
C ARG D 273 15.12 9.72 -17.67
N HIS D 274 16.29 9.58 -17.05
CA HIS D 274 17.17 10.73 -16.84
C HIS D 274 17.44 11.40 -18.18
N GLN D 275 17.81 10.58 -19.15
CA GLN D 275 18.13 11.05 -20.49
C GLN D 275 16.96 11.79 -21.09
N LEU D 276 15.76 11.25 -20.91
CA LEU D 276 14.56 11.88 -21.45
C LEU D 276 14.29 13.18 -20.73
N LEU D 277 14.41 13.19 -19.41
CA LEU D 277 14.16 14.41 -18.67
C LEU D 277 15.17 15.47 -19.09
N VAL D 278 16.41 15.06 -19.26
CA VAL D 278 17.44 15.99 -19.69
C VAL D 278 17.11 16.57 -21.08
N ALA D 279 16.72 15.71 -22.02
CA ALA D 279 16.39 16.19 -23.36
C ALA D 279 15.23 17.17 -23.29
N ARG D 280 14.25 16.87 -22.45
CA ARG D 280 13.10 17.74 -22.31
C ARG D 280 13.49 19.10 -21.73
N LEU D 281 14.28 19.08 -20.66
CA LEU D 281 14.73 20.31 -20.02
C LEU D 281 15.42 21.17 -21.09
N SER D 282 16.12 20.51 -21.99
CA SER D 282 16.83 21.18 -23.06
C SER D 282 15.86 21.66 -24.15
N ALA D 283 14.83 20.86 -24.41
CA ALA D 283 13.85 21.16 -25.44
C ALA D 283 12.93 22.33 -25.13
N GLU D 284 12.62 22.49 -23.85
CA GLU D 284 11.72 23.54 -23.39
C GLU D 284 12.43 24.86 -23.07
N GLY D 285 13.60 25.07 -23.66
CA GLY D 285 14.36 26.30 -23.43
C GLY D 285 14.62 26.59 -21.96
N LEU D 286 14.64 25.54 -21.14
CA LEU D 286 14.86 25.68 -19.71
C LEU D 286 16.29 25.36 -19.26
N GLU D 287 17.10 24.86 -20.18
CA GLU D 287 18.47 24.49 -19.85
C GLU D 287 19.42 25.68 -19.82
N THR D 288 20.36 25.62 -18.88
CA THR D 288 21.36 26.66 -18.73
C THR D 288 22.73 25.95 -18.60
N PRO D 289 23.82 26.68 -18.86
CA PRO D 289 25.14 26.06 -18.75
C PRO D 289 25.41 25.41 -17.39
N GLY D 290 24.94 26.05 -16.33
CA GLY D 290 25.15 25.51 -15.00
C GLY D 290 24.31 24.27 -14.77
N LEU D 291 23.10 24.29 -15.31
CA LEU D 291 22.18 23.16 -15.18
C LEU D 291 22.69 22.00 -16.02
N ALA D 292 23.13 22.30 -17.24
CA ALA D 292 23.66 21.30 -18.14
C ALA D 292 24.78 20.54 -17.43
N ALA D 293 25.58 21.28 -16.67
CA ALA D 293 26.70 20.70 -15.92
C ALA D 293 26.21 19.87 -14.73
N TYR D 294 25.26 20.43 -13.98
CA TYR D 294 24.70 19.76 -12.80
C TYR D 294 24.06 18.44 -13.20
N VAL D 295 23.26 18.51 -14.26
CA VAL D 295 22.54 17.37 -14.79
C VAL D 295 23.51 16.27 -15.20
N GLU D 296 24.57 16.64 -15.91
CA GLU D 296 25.57 15.67 -16.33
C GLU D 296 26.26 15.12 -15.06
N GLY D 297 26.56 16.00 -14.12
CA GLY D 297 27.19 15.57 -12.89
C GLY D 297 26.40 14.49 -12.16
N LEU D 298 25.08 14.60 -12.15
CA LEU D 298 24.27 13.60 -11.48
C LEU D 298 24.45 12.25 -12.19
N GLU D 299 24.62 12.30 -13.50
CA GLU D 299 24.83 11.07 -14.25
C GLU D 299 26.10 10.37 -13.75
N TYR D 300 27.17 11.13 -13.60
CA TYR D 300 28.43 10.56 -13.15
C TYR D 300 28.25 9.92 -11.78
N GLN D 301 27.44 10.54 -10.92
CA GLN D 301 27.19 10.00 -9.59
C GLN D 301 26.49 8.65 -9.68
N MET D 302 25.55 8.53 -10.61
CA MET D 302 24.83 7.28 -10.75
C MET D 302 25.76 6.17 -11.18
N SER D 303 26.50 6.38 -12.25
CA SER D 303 27.42 5.36 -12.73
C SER D 303 28.58 5.12 -11.75
N GLY D 304 29.05 6.19 -11.11
CA GLY D 304 30.14 6.02 -10.18
C GLY D 304 29.70 5.22 -8.97
N ASN D 305 28.54 5.57 -8.45
CA ASN D 305 27.98 4.89 -7.29
C ASN D 305 27.83 3.39 -7.55
N GLU D 306 27.46 3.05 -8.78
CA GLU D 306 27.29 1.65 -9.17
C GLU D 306 28.66 0.95 -9.18
N LEU D 307 29.64 1.56 -9.84
CA LEU D 307 30.97 0.97 -9.90
C LEU D 307 31.48 0.79 -8.47
N TRP D 308 31.30 1.82 -7.65
CA TRP D 308 31.73 1.75 -6.26
C TRP D 308 31.03 0.64 -5.51
N SER D 309 29.71 0.56 -5.66
CA SER D 309 28.91 -0.44 -4.96
C SER D 309 29.30 -1.86 -5.30
N GLN D 310 29.71 -2.08 -6.54
CA GLN D 310 30.11 -3.42 -6.97
C GLN D 310 31.49 -3.82 -6.48
N THR D 311 32.27 -2.85 -6.00
CA THR D 311 33.62 -3.18 -5.58
C THR D 311 34.00 -2.91 -4.14
N THR D 312 33.32 -1.97 -3.49
CA THR D 312 33.68 -1.67 -2.12
C THR D 312 33.60 -2.87 -1.19
N LEU D 313 34.55 -2.92 -0.27
CA LEU D 313 34.66 -3.98 0.72
C LEU D 313 33.68 -3.66 1.84
N ARG D 314 33.17 -2.43 1.81
CA ARG D 314 32.22 -1.98 2.83
C ARG D 314 31.02 -2.93 2.88
N TYR D 315 30.74 -3.54 1.73
CA TYR D 315 29.64 -4.48 1.59
C TYR D 315 30.09 -5.93 1.68
N SER D 316 31.30 -6.16 2.18
CA SER D 316 31.87 -7.51 2.30
C SER D 316 31.76 -8.24 0.97
N VAL D 317 32.36 -7.66 -0.08
CA VAL D 317 32.33 -8.23 -1.43
C VAL D 317 32.37 -9.76 -1.44
#